data_3KLN
#
_entry.id   3KLN
#
_cell.length_a   121.489
_cell.length_b   121.489
_cell.length_c   198.290
_cell.angle_alpha   90.00
_cell.angle_beta   90.00
_cell.angle_gamma   90.00
#
_symmetry.space_group_name_H-M   'P 41 21 2'
#
_entity_poly.entity_id   1
_entity_poly.type   'polypeptide(L)'
_entity_poly.pdbx_seq_one_letter_code
;SMKDENKLNVRMLSDVCMQSRLLKEALESKLPLALEITPFSELWLEENKPESRSIQMLVIDYSRISDDVLTDYSSFKHIS
CPDAKEVIINCPQDIEHKLLFKWNNLAGVFYIDDDMDTLIKGMSKILQDEMWLTRKLAQEYILHYRAGNSVVTSQMYAKL
TKREQQIIKLLGSGASNIEIADKLFVSENTVKTHLHNVFKKINAKNRLQALIWAKNNIGIEEVNS
;
_entity_poly.pdbx_strand_id   A,B,C,D
#
# COMPACT_ATOMS: atom_id res chain seq x y z
N ASP A 4 2.90 -1.73 -15.35
CA ASP A 4 3.90 -2.45 -14.58
C ASP A 4 3.26 -3.54 -13.69
N GLU A 5 3.85 -4.74 -13.68
CA GLU A 5 3.29 -5.90 -12.95
C GLU A 5 3.15 -5.68 -11.42
N ASN A 6 4.07 -4.88 -10.86
CA ASN A 6 4.08 -4.56 -9.43
C ASN A 6 2.87 -3.72 -8.98
N LYS A 7 2.45 -2.79 -9.84
CA LYS A 7 1.50 -1.73 -9.49
C LYS A 7 0.05 -2.15 -9.58
N LEU A 8 -0.80 -1.37 -8.91
CA LEU A 8 -2.25 -1.56 -8.98
C LEU A 8 -2.79 -1.21 -10.36
N ASN A 9 -3.56 -2.12 -10.95
CA ASN A 9 -4.22 -1.85 -12.23
C ASN A 9 -5.46 -1.01 -12.03
N VAL A 10 -5.37 0.28 -12.35
CA VAL A 10 -6.49 1.18 -12.17
C VAL A 10 -7.03 1.62 -13.51
N ARG A 11 -8.33 1.87 -13.56
CA ARG A 11 -8.98 2.30 -14.77
C ARG A 11 -9.87 3.45 -14.41
N MET A 12 -9.62 4.63 -14.98
CA MET A 12 -10.43 5.80 -14.68
C MET A 12 -11.48 5.93 -15.77
N LEU A 13 -12.74 5.99 -15.38
CA LEU A 13 -13.85 6.13 -16.30
C LEU A 13 -14.14 7.61 -16.49
N SER A 14 -13.65 8.19 -17.59
CA SER A 14 -13.75 9.62 -17.77
C SER A 14 -13.53 10.02 -19.24
N ASP A 15 -13.50 11.32 -19.52
CA ASP A 15 -13.08 11.83 -20.82
C ASP A 15 -11.58 11.75 -20.94
N VAL A 16 -11.03 11.55 -22.12
CA VAL A 16 -9.62 11.83 -22.15
C VAL A 16 -9.45 13.25 -22.61
N CYS A 17 -8.53 13.97 -22.01
CA CYS A 17 -8.38 15.38 -22.32
C CYS A 17 -7.30 16.03 -21.44
N MET A 18 -6.90 17.26 -21.74
CA MET A 18 -5.88 17.89 -20.91
C MET A 18 -6.01 17.56 -19.43
N GLN A 19 -7.17 17.78 -18.81
CA GLN A 19 -7.24 17.60 -17.37
C GLN A 19 -7.16 16.16 -16.90
N SER A 20 -7.92 15.27 -17.51
CA SER A 20 -7.87 13.86 -17.17
C SER A 20 -6.48 13.35 -17.11
N ARG A 21 -5.76 13.51 -18.21
CA ARG A 21 -4.39 13.04 -18.29
C ARG A 21 -3.49 13.72 -17.28
N LEU A 22 -3.88 14.90 -16.85
CA LEU A 22 -3.06 15.67 -15.96
C LEU A 22 -3.20 15.11 -14.56
N LEU A 23 -4.41 14.63 -14.24
CA LEU A 23 -4.71 13.96 -12.98
C LEU A 23 -4.17 12.55 -13.02
N LYS A 24 -4.31 11.89 -14.17
CA LYS A 24 -3.72 10.56 -14.36
C LYS A 24 -2.26 10.54 -13.95
N GLU A 25 -1.49 11.49 -14.47
CA GLU A 25 -0.07 11.58 -14.15
C GLU A 25 0.15 11.91 -12.69
N ALA A 26 -0.66 12.82 -12.17
CA ALA A 26 -0.59 13.20 -10.78
C ALA A 26 -0.83 11.99 -9.89
N LEU A 27 -1.87 11.20 -10.18
CA LEU A 27 -2.12 10.00 -9.39
C LEU A 27 -0.95 9.01 -9.51
N GLU A 28 -0.34 8.84 -10.69
CA GLU A 28 0.79 7.92 -10.81
C GLU A 28 2.11 8.46 -10.19
N SER A 29 2.15 9.73 -9.82
CA SER A 29 3.36 10.30 -9.24
C SER A 29 3.46 9.98 -7.78
N LYS A 30 2.32 9.80 -7.12
CA LYS A 30 2.33 9.70 -5.68
C LYS A 30 1.85 8.36 -5.16
N LEU A 31 1.12 7.61 -5.97
CA LEU A 31 0.63 6.33 -5.51
C LEU A 31 1.16 5.26 -6.42
N PRO A 32 1.14 4.01 -5.98
CA PRO A 32 1.76 2.91 -6.72
C PRO A 32 0.82 2.29 -7.71
N LEU A 33 0.49 2.98 -8.80
CA LEU A 33 -0.55 2.49 -9.69
C LEU A 33 -0.33 2.75 -11.17
N ALA A 34 -0.87 1.84 -11.97
CA ALA A 34 -0.84 1.96 -13.41
C ALA A 34 -2.26 2.25 -13.84
N LEU A 35 -2.52 3.52 -14.12
CA LEU A 35 -3.83 4.02 -14.49
C LEU A 35 -3.92 4.23 -15.99
N GLU A 36 -5.10 3.97 -16.54
CA GLU A 36 -5.37 4.13 -17.97
C GLU A 36 -6.80 4.65 -18.02
N ILE A 37 -7.08 5.63 -18.89
CA ILE A 37 -8.39 6.27 -18.94
C ILE A 37 -9.28 5.74 -20.06
N THR A 38 -10.54 5.44 -19.73
CA THR A 38 -11.51 4.89 -20.67
C THR A 38 -12.83 5.64 -20.47
N PRO A 39 -13.37 6.26 -21.54
CA PRO A 39 -14.60 7.05 -21.43
C PRO A 39 -15.81 6.17 -21.23
N PHE A 40 -16.81 6.67 -20.54
CA PHE A 40 -17.99 5.87 -20.29
C PHE A 40 -18.54 5.35 -21.59
N SER A 41 -18.49 6.22 -22.58
CA SER A 41 -19.08 5.91 -23.86
C SER A 41 -18.48 4.67 -24.50
N GLU A 42 -17.29 4.25 -24.07
CA GLU A 42 -16.59 3.17 -24.76
C GLU A 42 -16.51 1.90 -23.94
N LEU A 43 -17.20 1.88 -22.83
CA LEU A 43 -17.06 0.78 -21.89
C LEU A 43 -17.35 -0.53 -22.60
N TRP A 44 -18.45 -0.54 -23.34
CA TRP A 44 -18.91 -1.73 -24.06
C TRP A 44 -17.85 -2.34 -24.96
N LEU A 45 -16.91 -1.52 -25.39
CA LEU A 45 -15.84 -2.02 -26.24
C LEU A 45 -14.75 -2.75 -25.46
N GLU A 46 -14.75 -2.58 -24.14
CA GLU A 46 -13.73 -3.18 -23.29
C GLU A 46 -14.26 -4.43 -22.60
N GLU A 47 -15.57 -4.61 -22.65
CA GLU A 47 -16.23 -5.68 -21.91
C GLU A 47 -15.51 -7.01 -22.06
N ASN A 48 -15.29 -7.45 -23.30
CA ASN A 48 -14.75 -8.77 -23.52
C ASN A 48 -13.25 -8.80 -23.81
N LYS A 49 -12.57 -7.66 -23.66
CA LYS A 49 -11.12 -7.66 -23.70
C LYS A 49 -10.54 -8.38 -22.48
N PRO A 50 -9.52 -9.19 -22.74
CA PRO A 50 -8.70 -9.90 -21.76
C PRO A 50 -8.12 -8.93 -20.73
N GLU A 51 -7.43 -7.90 -21.22
CA GLU A 51 -6.80 -6.94 -20.32
C GLU A 51 -7.77 -6.20 -19.40
N SER A 52 -9.05 -6.29 -19.69
CA SER A 52 -10.02 -5.70 -18.78
C SER A 52 -10.21 -6.60 -17.58
N ARG A 53 -9.73 -7.84 -17.66
CA ARG A 53 -9.93 -8.76 -16.53
C ARG A 53 -8.91 -8.48 -15.45
N SER A 54 -7.96 -7.62 -15.77
CA SER A 54 -6.93 -7.31 -14.81
C SER A 54 -7.23 -6.05 -14.03
N ILE A 55 -8.38 -5.44 -14.25
CA ILE A 55 -8.67 -4.19 -13.56
C ILE A 55 -8.98 -4.47 -12.08
N GLN A 56 -8.36 -3.73 -11.17
CA GLN A 56 -8.50 -3.99 -9.76
C GLN A 56 -9.09 -2.81 -9.04
N MET A 57 -9.02 -1.64 -9.67
CA MET A 57 -9.73 -0.47 -9.16
C MET A 57 -10.40 0.18 -10.34
N LEU A 58 -11.60 0.72 -10.13
CA LEU A 58 -12.20 1.63 -11.09
C LEU A 58 -12.44 2.98 -10.43
N VAL A 59 -11.97 4.03 -11.09
CA VAL A 59 -12.23 5.38 -10.63
C VAL A 59 -13.24 5.98 -11.54
N ILE A 60 -14.31 6.47 -10.96
CA ILE A 60 -15.50 6.90 -11.66
C ILE A 60 -15.70 8.40 -11.48
N ASP A 61 -15.64 9.14 -12.57
CA ASP A 61 -15.83 10.58 -12.55
C ASP A 61 -17.32 10.81 -12.54
N TYR A 62 -17.86 11.17 -11.39
CA TYR A 62 -19.28 11.16 -11.23
C TYR A 62 -19.84 12.23 -12.11
N SER A 63 -18.98 13.16 -12.51
CA SER A 63 -19.48 14.26 -13.33
C SER A 63 -19.74 13.84 -14.78
N ARG A 64 -19.13 12.76 -15.23
CA ARG A 64 -19.34 12.35 -16.60
C ARG A 64 -20.26 11.15 -16.63
N ILE A 65 -20.85 10.83 -15.50
CA ILE A 65 -21.75 9.70 -15.47
C ILE A 65 -23.12 10.15 -16.01
N SER A 66 -23.96 9.20 -16.39
CA SER A 66 -25.28 9.50 -16.95
C SER A 66 -26.11 8.24 -17.05
N ASP A 67 -27.42 8.38 -17.25
CA ASP A 67 -28.25 7.20 -17.10
C ASP A 67 -28.11 6.23 -18.26
N ASP A 68 -27.67 6.72 -19.40
CA ASP A 68 -27.56 5.85 -20.57
C ASP A 68 -26.27 5.05 -20.62
N VAL A 69 -25.36 5.37 -19.69
CA VAL A 69 -24.15 4.57 -19.52
C VAL A 69 -24.28 3.53 -18.41
N LEU A 70 -25.21 3.75 -17.49
CA LEU A 70 -25.27 2.92 -16.30
C LEU A 70 -25.37 1.44 -16.61
N THR A 71 -26.20 1.11 -17.58
CA THR A 71 -26.41 -0.27 -17.96
C THR A 71 -25.13 -0.89 -18.51
N ASP A 72 -24.45 -0.15 -19.36
CA ASP A 72 -23.26 -0.68 -20.00
C ASP A 72 -22.24 -0.94 -18.92
N TYR A 73 -22.27 -0.12 -17.87
CA TYR A 73 -21.28 -0.22 -16.81
C TYR A 73 -21.52 -1.46 -16.01
N SER A 74 -22.76 -1.66 -15.62
CA SER A 74 -23.06 -2.74 -14.69
C SER A 74 -22.65 -4.06 -15.33
N SER A 75 -22.83 -4.18 -16.63
CA SER A 75 -22.42 -5.40 -17.31
C SER A 75 -20.91 -5.46 -17.49
N PHE A 76 -20.28 -4.39 -17.96
CA PHE A 76 -18.82 -4.35 -18.03
C PHE A 76 -18.21 -4.80 -16.70
N LYS A 77 -18.81 -4.35 -15.62
CA LYS A 77 -18.25 -4.59 -14.30
C LYS A 77 -18.39 -6.06 -13.89
N HIS A 78 -19.50 -6.65 -14.23
CA HIS A 78 -19.75 -8.04 -13.92
C HIS A 78 -18.92 -9.00 -14.80
N ILE A 79 -18.88 -8.70 -16.08
CA ILE A 79 -18.21 -9.54 -17.05
C ILE A 79 -16.69 -9.51 -16.92
N SER A 80 -16.11 -8.36 -16.65
CA SER A 80 -14.66 -8.29 -16.62
C SER A 80 -14.01 -8.22 -15.26
N CYS A 81 -14.47 -7.30 -14.43
CA CYS A 81 -13.86 -7.10 -13.14
C CYS A 81 -14.89 -6.94 -12.05
N PRO A 82 -15.58 -8.01 -11.73
CA PRO A 82 -16.60 -7.96 -10.69
C PRO A 82 -16.01 -7.67 -9.33
N ASP A 83 -14.75 -8.02 -9.14
CA ASP A 83 -14.11 -7.93 -7.84
C ASP A 83 -13.21 -6.70 -7.68
N ALA A 84 -13.17 -5.85 -8.68
CA ALA A 84 -12.40 -4.61 -8.58
C ALA A 84 -13.05 -3.66 -7.59
N LYS A 85 -12.24 -2.85 -6.90
CA LYS A 85 -12.80 -1.84 -5.99
C LYS A 85 -13.33 -0.69 -6.85
N GLU A 86 -14.33 0.03 -6.38
CA GLU A 86 -14.75 1.18 -7.13
C GLU A 86 -14.65 2.42 -6.29
N VAL A 87 -14.16 3.50 -6.89
CA VAL A 87 -13.96 4.74 -6.16
C VAL A 87 -14.62 5.84 -6.96
N ILE A 88 -15.49 6.61 -6.32
CA ILE A 88 -16.19 7.71 -6.98
C ILE A 88 -15.42 9.00 -6.78
N ILE A 89 -15.23 9.80 -7.83
CA ILE A 89 -14.67 11.16 -7.65
C ILE A 89 -15.56 12.22 -8.27
N ASN A 90 -15.38 13.47 -7.87
CA ASN A 90 -16.17 14.58 -8.41
C ASN A 90 -17.66 14.48 -8.05
N CYS A 91 -17.92 13.76 -6.98
CA CYS A 91 -19.26 13.58 -6.45
C CYS A 91 -19.83 14.88 -5.94
N PRO A 92 -21.11 15.17 -6.25
CA PRO A 92 -21.71 16.42 -5.79
C PRO A 92 -21.92 16.38 -4.28
N GLN A 93 -21.89 17.53 -3.61
CA GLN A 93 -21.93 17.56 -2.15
C GLN A 93 -23.20 17.01 -1.56
N ASP A 94 -24.27 17.24 -2.29
CA ASP A 94 -25.63 17.05 -1.83
C ASP A 94 -26.15 15.83 -2.53
N ILE A 95 -25.45 14.72 -2.37
CA ILE A 95 -25.78 13.58 -3.18
C ILE A 95 -26.65 12.66 -2.34
N GLU A 96 -27.61 11.98 -2.95
CA GLU A 96 -28.42 11.07 -2.16
C GLU A 96 -27.68 9.74 -1.97
N HIS A 97 -27.15 9.56 -0.78
CA HIS A 97 -26.19 8.49 -0.56
C HIS A 97 -26.71 7.12 -0.98
N LYS A 98 -28.00 6.87 -0.82
CA LYS A 98 -28.55 5.59 -1.29
C LYS A 98 -28.21 5.39 -2.76
N LEU A 99 -28.16 6.48 -3.54
CA LEU A 99 -27.86 6.38 -4.95
C LEU A 99 -26.49 5.78 -5.17
N LEU A 100 -25.67 5.78 -4.12
CA LEU A 100 -24.35 5.18 -4.19
C LEU A 100 -24.32 3.67 -3.87
N PHE A 101 -25.39 3.13 -3.30
CA PHE A 101 -25.35 1.71 -2.95
C PHE A 101 -25.20 0.83 -4.20
N LYS A 102 -25.64 1.40 -5.33
CA LYS A 102 -25.60 0.77 -6.64
C LYS A 102 -24.19 0.33 -7.06
N TRP A 103 -23.18 0.92 -6.43
CA TRP A 103 -21.80 0.53 -6.68
C TRP A 103 -21.42 -0.51 -5.63
N ASN A 104 -21.32 -1.75 -6.04
CA ASN A 104 -21.29 -2.85 -5.08
C ASN A 104 -19.97 -2.99 -4.37
N ASN A 105 -18.94 -2.32 -4.85
CA ASN A 105 -17.64 -2.37 -4.19
C ASN A 105 -17.14 -0.99 -3.92
N LEU A 106 -18.06 -0.04 -3.84
CA LEU A 106 -17.70 1.28 -3.44
C LEU A 106 -16.73 1.15 -2.30
N ALA A 107 -15.54 1.73 -2.45
CA ALA A 107 -14.50 1.71 -1.40
C ALA A 107 -14.09 3.11 -0.96
N GLY A 108 -14.51 4.11 -1.71
CA GLY A 108 -14.20 5.48 -1.38
C GLY A 108 -14.99 6.43 -2.23
N VAL A 109 -15.19 7.64 -1.72
CA VAL A 109 -15.93 8.66 -2.42
C VAL A 109 -15.26 10.00 -2.24
N PHE A 110 -15.03 10.70 -3.33
CA PHE A 110 -14.41 12.00 -3.27
C PHE A 110 -15.33 13.07 -3.83
N TYR A 111 -15.44 14.19 -3.13
CA TYR A 111 -16.46 15.20 -3.46
C TYR A 111 -15.97 16.26 -4.40
N ILE A 112 -16.89 16.95 -5.03
CA ILE A 112 -16.50 17.82 -6.12
C ILE A 112 -15.48 18.88 -5.69
N ASP A 113 -15.55 19.29 -4.44
CA ASP A 113 -14.64 20.31 -3.98
C ASP A 113 -13.65 19.81 -2.93
N ASP A 114 -13.18 18.58 -3.11
CA ASP A 114 -12.05 18.09 -2.35
C ASP A 114 -10.82 18.51 -3.15
N ASP A 115 -9.65 18.58 -2.50
CA ASP A 115 -8.42 18.91 -3.23
C ASP A 115 -7.54 17.68 -3.45
N MET A 116 -6.39 17.88 -4.09
CA MET A 116 -5.50 16.76 -4.32
C MET A 116 -4.86 16.29 -3.02
N ASP A 117 -4.81 17.15 -2.02
CA ASP A 117 -4.21 16.72 -0.76
C ASP A 117 -5.09 15.65 -0.15
N THR A 118 -6.38 15.90 -0.23
CA THR A 118 -7.38 14.94 0.23
C THR A 118 -7.37 13.71 -0.63
N LEU A 119 -7.38 13.88 -1.94
CA LEU A 119 -7.43 12.74 -2.83
C LEU A 119 -6.23 11.83 -2.63
N ILE A 120 -5.06 12.41 -2.42
CA ILE A 120 -3.88 11.57 -2.31
C ILE A 120 -3.92 10.86 -0.97
N LYS A 121 -4.40 11.55 0.04
CA LYS A 121 -4.53 10.97 1.37
C LYS A 121 -5.49 9.80 1.37
N GLY A 122 -6.72 10.10 0.97
CA GLY A 122 -7.73 9.11 0.73
C GLY A 122 -7.26 7.93 -0.09
N MET A 123 -6.76 8.16 -1.31
CA MET A 123 -6.43 7.01 -2.14
C MET A 123 -5.37 6.17 -1.47
N SER A 124 -4.46 6.80 -0.75
CA SER A 124 -3.41 6.05 -0.09
C SER A 124 -3.95 5.09 0.96
N LYS A 125 -5.02 5.52 1.63
CA LYS A 125 -5.73 4.71 2.59
C LYS A 125 -6.44 3.55 1.92
N ILE A 126 -7.17 3.85 0.84
CA ILE A 126 -7.83 2.80 0.09
C ILE A 126 -6.80 1.82 -0.46
N LEU A 127 -5.62 2.27 -0.82
CA LEU A 127 -4.66 1.29 -1.30
C LEU A 127 -4.21 0.37 -0.15
N GLN A 128 -4.48 0.81 1.07
CA GLN A 128 -4.18 0.04 2.28
C GLN A 128 -5.40 -0.75 2.80
N ASP A 129 -6.35 -1.00 1.91
CA ASP A 129 -7.57 -1.74 2.21
C ASP A 129 -8.43 -1.09 3.29
N GLU A 130 -8.34 0.23 3.39
CA GLU A 130 -9.30 0.99 4.19
C GLU A 130 -10.40 1.47 3.26
N MET A 131 -11.39 2.18 3.78
CA MET A 131 -12.43 2.73 2.94
C MET A 131 -12.40 4.23 3.19
N TRP A 132 -12.71 5.06 2.22
CA TRP A 132 -12.66 6.47 2.46
C TRP A 132 -14.06 7.09 2.44
N LEU A 133 -14.79 6.92 3.55
CA LEU A 133 -16.12 7.50 3.67
C LEU A 133 -16.24 8.47 4.81
N THR A 134 -17.19 9.38 4.61
CA THR A 134 -17.62 10.40 5.53
C THR A 134 -18.39 9.71 6.66
N ARG A 135 -18.73 10.38 7.77
CA ARG A 135 -19.47 9.68 8.82
C ARG A 135 -20.89 9.53 8.37
N LYS A 136 -21.42 10.56 7.70
CA LYS A 136 -22.78 10.49 7.18
C LYS A 136 -23.00 9.28 6.32
N LEU A 137 -22.12 9.04 5.36
CA LEU A 137 -22.29 7.94 4.44
C LEU A 137 -22.17 6.61 5.16
N ALA A 138 -21.17 6.48 6.00
CA ALA A 138 -21.01 5.23 6.73
C ALA A 138 -22.29 4.94 7.50
N GLN A 139 -22.89 5.98 8.07
CA GLN A 139 -24.15 5.84 8.79
C GLN A 139 -25.28 5.32 7.89
N GLU A 140 -25.45 5.96 6.73
CA GLU A 140 -26.46 5.54 5.77
C GLU A 140 -26.34 4.08 5.37
N TYR A 141 -25.14 3.62 5.04
CA TYR A 141 -24.90 2.22 4.78
C TYR A 141 -25.44 1.40 5.96
N ILE A 142 -24.94 1.70 7.14
CA ILE A 142 -25.28 0.91 8.29
C ILE A 142 -26.75 0.90 8.60
N LEU A 143 -27.40 2.06 8.52
CA LEU A 143 -28.81 2.08 8.81
C LEU A 143 -29.54 1.23 7.78
N HIS A 144 -29.18 1.41 6.53
CA HIS A 144 -29.84 0.68 5.47
C HIS A 144 -29.61 -0.81 5.54
N TYR A 145 -28.37 -1.22 5.70
CA TYR A 145 -28.06 -2.64 5.77
C TYR A 145 -28.60 -3.30 7.01
N ARG A 146 -28.43 -2.62 8.12
CA ARG A 146 -28.78 -3.11 9.44
C ARG A 146 -30.27 -3.32 9.52
N ALA A 147 -30.98 -2.58 8.69
CA ALA A 147 -32.41 -2.64 8.69
C ALA A 147 -32.88 -3.73 7.76
N GLY A 148 -31.99 -4.60 7.29
CA GLY A 148 -32.51 -5.61 6.36
C GLY A 148 -32.33 -5.45 4.85
N ASN A 149 -32.32 -4.21 4.36
CA ASN A 149 -32.34 -3.98 2.92
C ASN A 149 -31.04 -4.34 2.23
N SER A 150 -31.13 -4.96 1.07
CA SER A 150 -29.91 -5.22 0.30
C SER A 150 -29.78 -4.26 -0.90
N VAL A 151 -30.81 -4.19 -1.73
CA VAL A 151 -30.75 -3.39 -2.95
C VAL A 151 -31.73 -2.21 -2.96
N VAL A 152 -31.37 -1.15 -3.66
CA VAL A 152 -32.24 0.02 -3.81
C VAL A 152 -32.90 -0.04 -5.17
N THR A 153 -34.22 -0.18 -5.19
CA THR A 153 -34.96 -0.25 -6.44
C THR A 153 -34.82 1.11 -7.14
N SER A 154 -34.42 1.08 -8.41
CA SER A 154 -34.03 2.30 -9.11
C SER A 154 -35.21 3.09 -9.71
N GLN A 155 -34.89 4.14 -10.47
CA GLN A 155 -35.92 5.05 -10.96
C GLN A 155 -36.52 4.65 -12.30
N MET A 156 -35.70 4.12 -13.20
CA MET A 156 -36.22 3.62 -14.47
C MET A 156 -37.30 2.58 -14.14
N TYR A 157 -37.03 1.74 -13.14
CA TYR A 157 -37.99 0.68 -12.75
C TYR A 157 -39.40 1.24 -12.55
N ALA A 158 -39.56 2.07 -11.54
CA ALA A 158 -40.86 2.62 -11.19
C ALA A 158 -41.61 3.18 -12.40
N LYS A 159 -40.87 3.49 -13.45
CA LYS A 159 -41.46 4.06 -14.66
C LYS A 159 -42.00 3.04 -15.68
N LEU A 160 -41.94 1.75 -15.33
CA LEU A 160 -42.44 0.68 -16.19
C LEU A 160 -43.90 0.31 -15.86
N THR A 161 -44.63 -0.22 -16.84
CA THR A 161 -46.00 -0.70 -16.61
C THR A 161 -46.05 -1.93 -15.72
N LYS A 162 -47.23 -2.25 -15.19
CA LYS A 162 -47.35 -3.38 -14.25
C LYS A 162 -46.82 -4.70 -14.79
N ARG A 163 -47.20 -5.04 -16.02
CA ARG A 163 -46.63 -6.20 -16.72
C ARG A 163 -45.13 -6.06 -16.66
N GLU A 164 -44.65 -4.96 -17.25
CA GLU A 164 -43.23 -4.75 -17.42
C GLU A 164 -42.50 -4.97 -16.11
N GLN A 165 -43.05 -4.41 -15.03
CA GLN A 165 -42.45 -4.57 -13.72
C GLN A 165 -42.38 -6.01 -13.28
N GLN A 166 -43.51 -6.70 -13.28
CA GLN A 166 -43.49 -8.11 -12.94
C GLN A 166 -42.50 -8.88 -13.82
N ILE A 167 -42.56 -8.68 -15.13
CA ILE A 167 -41.67 -9.38 -16.02
C ILE A 167 -40.21 -9.09 -15.71
N ILE A 168 -39.89 -7.87 -15.28
CA ILE A 168 -38.49 -7.53 -15.04
C ILE A 168 -37.97 -8.09 -13.72
N LYS A 169 -38.70 -7.89 -12.61
CA LYS A 169 -38.33 -8.54 -11.35
C LYS A 169 -37.90 -10.00 -11.59
N LEU A 170 -38.79 -10.80 -12.16
CA LEU A 170 -38.49 -12.22 -12.32
C LEU A 170 -37.25 -12.42 -13.18
N LEU A 171 -37.02 -11.51 -14.12
CA LEU A 171 -35.83 -11.63 -14.95
C LEU A 171 -34.61 -11.47 -14.05
N GLY A 172 -34.70 -10.55 -13.09
CA GLY A 172 -33.63 -10.25 -12.15
C GLY A 172 -33.54 -11.29 -11.06
N SER A 173 -34.24 -12.39 -11.31
CA SER A 173 -34.23 -13.54 -10.46
C SER A 173 -33.70 -14.65 -11.33
N GLY A 174 -33.12 -14.26 -12.45
CA GLY A 174 -32.58 -15.21 -13.40
C GLY A 174 -33.58 -16.26 -13.83
N ALA A 175 -34.85 -15.88 -13.90
CA ALA A 175 -35.87 -16.79 -14.43
C ALA A 175 -35.76 -16.82 -15.96
N SER A 176 -36.23 -17.89 -16.58
CA SER A 176 -36.19 -18.00 -18.03
C SER A 176 -37.40 -17.29 -18.64
N ASN A 177 -37.35 -17.09 -19.96
CA ASN A 177 -38.54 -16.67 -20.69
C ASN A 177 -39.73 -17.56 -20.34
N ILE A 178 -39.59 -18.85 -20.66
CA ILE A 178 -40.58 -19.83 -20.29
C ILE A 178 -40.97 -19.76 -18.81
N GLU A 179 -39.99 -19.76 -17.91
CA GLU A 179 -40.31 -19.71 -16.49
C GLU A 179 -41.10 -18.48 -16.06
N ILE A 180 -40.94 -17.38 -16.78
CA ILE A 180 -41.68 -16.16 -16.48
C ILE A 180 -43.09 -16.29 -17.03
N ALA A 181 -43.17 -16.62 -18.32
CA ALA A 181 -44.45 -16.84 -18.99
C ALA A 181 -45.32 -17.83 -18.20
N ASP A 182 -44.70 -18.65 -17.37
CA ASP A 182 -45.43 -19.65 -16.61
C ASP A 182 -45.79 -19.21 -15.19
N LYS A 183 -45.29 -18.06 -14.75
CA LYS A 183 -45.65 -17.61 -13.41
C LYS A 183 -46.69 -16.53 -13.51
N LEU A 184 -46.73 -15.90 -14.69
CA LEU A 184 -47.74 -14.89 -14.99
C LEU A 184 -48.86 -15.44 -15.86
N PHE A 185 -48.69 -16.67 -16.34
CA PHE A 185 -49.67 -17.32 -17.20
C PHE A 185 -49.85 -16.56 -18.50
N VAL A 186 -48.81 -16.57 -19.33
CA VAL A 186 -48.82 -15.81 -20.54
C VAL A 186 -48.05 -16.55 -21.59
N SER A 187 -48.27 -16.21 -22.85
CA SER A 187 -47.46 -16.73 -23.94
C SER A 187 -45.97 -16.43 -23.70
N GLU A 188 -45.11 -17.41 -23.96
CA GLU A 188 -43.68 -17.16 -23.96
C GLU A 188 -43.38 -16.04 -24.94
N ASN A 189 -43.96 -16.10 -26.13
CA ASN A 189 -43.71 -15.04 -27.09
C ASN A 189 -44.16 -13.69 -26.55
N THR A 190 -44.97 -13.70 -25.49
CA THR A 190 -45.49 -12.44 -24.96
C THR A 190 -44.47 -11.71 -24.11
N VAL A 191 -43.97 -12.41 -23.11
CA VAL A 191 -42.96 -11.84 -22.25
C VAL A 191 -41.82 -11.34 -23.13
N LYS A 192 -41.50 -12.12 -24.16
CA LYS A 192 -40.50 -11.73 -25.14
C LYS A 192 -40.79 -10.38 -25.78
N THR A 193 -42.05 -10.02 -25.92
CA THR A 193 -42.35 -8.77 -26.62
C THR A 193 -42.28 -7.61 -25.66
N HIS A 194 -42.72 -7.85 -24.44
CA HIS A 194 -42.62 -6.89 -23.36
C HIS A 194 -41.16 -6.55 -23.13
N LEU A 195 -40.33 -7.58 -22.98
CA LEU A 195 -38.89 -7.38 -22.81
C LEU A 195 -38.31 -6.45 -23.86
N HIS A 196 -38.65 -6.69 -25.12
CA HIS A 196 -38.09 -5.85 -26.17
C HIS A 196 -38.40 -4.39 -25.89
N ASN A 197 -39.57 -4.10 -25.32
CA ASN A 197 -39.85 -2.73 -24.92
C ASN A 197 -38.99 -2.34 -23.71
N VAL A 198 -39.01 -3.16 -22.69
CA VAL A 198 -38.39 -2.84 -21.44
C VAL A 198 -36.94 -2.47 -21.60
N PHE A 199 -36.30 -2.94 -22.66
CA PHE A 199 -34.91 -2.64 -22.85
C PHE A 199 -34.77 -1.14 -22.98
N LYS A 200 -35.90 -0.47 -23.15
CA LYS A 200 -35.94 0.98 -23.15
C LYS A 200 -36.91 1.45 -22.06
N LYS A 201 -36.51 2.43 -21.25
CA LYS A 201 -35.25 3.11 -21.39
C LYS A 201 -34.16 2.40 -20.60
N ILE A 202 -34.45 1.23 -20.04
CA ILE A 202 -33.43 0.65 -19.18
C ILE A 202 -32.15 0.54 -19.97
N ASN A 203 -32.26 0.56 -21.29
CA ASN A 203 -31.09 0.71 -22.17
C ASN A 203 -30.23 -0.54 -22.30
N ALA A 204 -30.85 -1.71 -22.28
CA ALA A 204 -30.12 -2.95 -22.36
C ALA A 204 -29.86 -3.35 -23.80
N LYS A 205 -28.60 -3.47 -24.19
CA LYS A 205 -28.24 -3.89 -25.55
C LYS A 205 -28.74 -5.31 -25.78
N ASN A 206 -29.04 -6.00 -24.69
CA ASN A 206 -29.48 -7.38 -24.79
C ASN A 206 -29.97 -7.90 -23.45
N ARG A 207 -30.39 -9.16 -23.44
CA ARG A 207 -31.05 -9.74 -22.28
C ARG A 207 -30.08 -9.83 -21.10
N LEU A 208 -28.83 -10.15 -21.41
CA LEU A 208 -27.82 -10.24 -20.37
C LEU A 208 -27.69 -8.92 -19.58
N GLN A 209 -27.51 -7.81 -20.32
CA GLN A 209 -27.42 -6.48 -19.74
C GLN A 209 -28.61 -6.23 -18.84
N ALA A 210 -29.80 -6.55 -19.35
CA ALA A 210 -31.02 -6.32 -18.61
C ALA A 210 -31.04 -7.17 -17.35
N LEU A 211 -30.65 -8.43 -17.51
CA LEU A 211 -30.64 -9.38 -16.41
C LEU A 211 -29.77 -8.84 -15.29
N ILE A 212 -28.57 -8.41 -15.67
CA ILE A 212 -27.61 -7.85 -14.73
C ILE A 212 -28.10 -6.51 -14.25
N TRP A 213 -28.68 -5.74 -15.15
CA TRP A 213 -29.26 -4.49 -14.75
C TRP A 213 -30.20 -4.85 -13.64
N ALA A 214 -31.00 -5.87 -13.89
CA ALA A 214 -32.04 -6.24 -12.95
C ALA A 214 -31.48 -6.56 -11.56
N LYS A 215 -30.53 -7.49 -11.50
CA LYS A 215 -29.98 -7.94 -10.22
C LYS A 215 -29.30 -6.83 -9.43
N ASN A 216 -29.19 -5.65 -10.01
CA ASN A 216 -28.46 -4.57 -9.39
C ASN A 216 -29.37 -3.39 -9.11
N ASN A 217 -30.56 -3.40 -9.70
CA ASN A 217 -31.40 -2.21 -9.72
C ASN A 217 -32.85 -2.42 -9.24
N ILE A 218 -33.14 -3.63 -8.76
CA ILE A 218 -34.48 -3.97 -8.26
C ILE A 218 -34.42 -5.07 -7.19
N GLY A 219 -34.83 -4.73 -5.97
CA GLY A 219 -35.01 -5.68 -4.88
C GLY A 219 -36.35 -5.31 -4.27
N ILE A 220 -37.23 -6.30 -4.05
CA ILE A 220 -38.59 -6.06 -3.53
C ILE A 220 -38.63 -5.58 -2.07
N ASN B 6 -37.65 16.66 29.37
CA ASN B 6 -37.39 17.54 28.22
C ASN B 6 -35.98 17.31 27.59
N LYS B 7 -35.15 16.57 28.33
CA LYS B 7 -33.77 16.23 27.90
C LYS B 7 -33.58 14.73 27.69
N LEU B 8 -32.51 14.34 26.98
CA LEU B 8 -32.35 12.92 26.60
C LEU B 8 -32.27 12.02 27.83
N ASN B 9 -33.12 10.98 27.88
CA ASN B 9 -33.05 10.02 28.98
C ASN B 9 -31.90 9.02 28.71
N VAL B 10 -30.85 9.09 29.54
CA VAL B 10 -29.66 8.27 29.31
C VAL B 10 -29.39 7.37 30.49
N ARG B 11 -28.70 6.27 30.23
CA ARG B 11 -28.41 5.30 31.27
C ARG B 11 -27.01 4.78 31.05
N MET B 12 -26.11 5.06 31.99
CA MET B 12 -24.75 4.61 31.88
C MET B 12 -24.59 3.29 32.65
N LEU B 13 -24.05 2.29 31.99
CA LEU B 13 -23.85 0.99 32.60
C LEU B 13 -22.42 0.91 33.09
N SER B 14 -22.22 1.18 34.37
CA SER B 14 -20.90 1.24 34.97
C SER B 14 -20.97 1.07 36.48
N ASP B 15 -19.87 1.34 37.17
CA ASP B 15 -19.87 1.34 38.62
C ASP B 15 -20.35 2.67 39.15
N VAL B 16 -20.81 2.71 40.38
CA VAL B 16 -21.09 4.00 40.95
C VAL B 16 -19.84 4.32 41.74
N CYS B 17 -19.18 5.41 41.40
CA CYS B 17 -17.95 5.77 42.05
C CYS B 17 -17.61 7.23 41.79
N MET B 18 -16.56 7.72 42.41
CA MET B 18 -16.23 9.10 42.23
C MET B 18 -16.03 9.37 40.77
N GLN B 19 -15.34 8.49 40.07
CA GLN B 19 -15.12 8.74 38.67
C GLN B 19 -16.41 8.78 37.85
N SER B 20 -17.27 7.79 38.03
CA SER B 20 -18.48 7.72 37.23
C SER B 20 -19.31 8.94 37.41
N ARG B 21 -19.65 9.23 38.65
CA ARG B 21 -20.42 10.41 38.94
C ARG B 21 -19.78 11.66 38.41
N LEU B 22 -18.46 11.67 38.42
CA LEU B 22 -17.71 12.82 37.97
C LEU B 22 -17.94 13.01 36.48
N LEU B 23 -17.83 11.91 35.76
CA LEU B 23 -18.11 11.88 34.34
C LEU B 23 -19.57 12.21 34.09
N LYS B 24 -20.44 11.68 34.94
CA LYS B 24 -21.86 11.94 34.81
C LYS B 24 -22.16 13.43 34.81
N GLU B 25 -21.74 14.16 35.82
CA GLU B 25 -22.02 15.60 35.89
C GLU B 25 -21.45 16.29 34.66
N ALA B 26 -20.23 15.93 34.29
CA ALA B 26 -19.57 16.52 33.13
C ALA B 26 -20.43 16.39 31.89
N LEU B 27 -20.89 15.18 31.59
CA LEU B 27 -21.82 14.96 30.50
C LEU B 27 -23.06 15.83 30.66
N GLU B 28 -23.67 15.78 31.84
CA GLU B 28 -24.92 16.49 32.09
C GLU B 28 -24.80 18.00 31.97
N SER B 29 -23.59 18.50 31.90
CA SER B 29 -23.42 19.94 31.88
C SER B 29 -22.82 20.47 30.57
N LYS B 30 -22.52 19.60 29.61
CA LYS B 30 -22.19 20.13 28.31
C LYS B 30 -23.18 19.62 27.27
N LEU B 31 -23.97 18.63 27.63
CA LEU B 31 -24.95 18.08 26.72
C LEU B 31 -26.33 18.07 27.37
N PRO B 32 -27.37 18.07 26.55
CA PRO B 32 -28.77 18.15 26.99
C PRO B 32 -29.34 16.82 27.48
N LEU B 33 -28.75 16.21 28.50
CA LEU B 33 -29.21 14.88 28.90
C LEU B 33 -29.42 14.64 30.39
N ALA B 34 -30.12 13.56 30.69
CA ALA B 34 -30.44 13.19 32.05
C ALA B 34 -29.91 11.81 32.27
N LEU B 35 -28.80 11.75 32.97
CA LEU B 35 -28.05 10.53 33.02
C LEU B 35 -28.24 9.90 34.38
N GLU B 36 -28.34 8.56 34.40
CA GLU B 36 -28.35 7.75 35.63
C GLU B 36 -27.40 6.60 35.49
N ILE B 37 -26.73 6.22 36.59
CA ILE B 37 -25.79 5.12 36.51
C ILE B 37 -26.34 3.85 37.14
N THR B 38 -26.29 2.76 36.37
CA THR B 38 -26.72 1.45 36.83
C THR B 38 -25.64 0.47 36.49
N PRO B 39 -25.14 -0.25 37.50
CA PRO B 39 -24.05 -1.20 37.28
C PRO B 39 -24.52 -2.43 36.55
N PHE B 40 -23.67 -3.04 35.75
CA PHE B 40 -24.05 -4.27 35.07
C PHE B 40 -24.66 -5.25 36.04
N SER B 41 -23.91 -5.55 37.08
CA SER B 41 -24.30 -6.56 38.04
C SER B 41 -25.74 -6.42 38.52
N GLU B 42 -26.30 -5.24 38.31
CA GLU B 42 -27.57 -4.87 38.92
C GLU B 42 -28.65 -4.67 37.83
N LEU B 43 -28.37 -5.15 36.64
CA LEU B 43 -29.19 -4.84 35.50
C LEU B 43 -30.52 -5.58 35.57
N TRP B 44 -30.43 -6.88 35.86
CA TRP B 44 -31.62 -7.72 36.02
C TRP B 44 -32.65 -7.13 36.98
N LEU B 45 -32.22 -6.32 37.95
CA LEU B 45 -33.18 -5.68 38.81
C LEU B 45 -33.97 -4.55 38.12
N GLU B 46 -33.55 -4.15 36.93
CA GLU B 46 -34.18 -3.01 36.26
C GLU B 46 -34.98 -3.47 35.06
N GLU B 47 -34.84 -4.74 34.71
CA GLU B 47 -35.49 -5.28 33.51
C GLU B 47 -36.95 -4.91 33.47
N ASN B 48 -37.66 -5.22 34.54
CA ASN B 48 -39.09 -5.05 34.56
C ASN B 48 -39.54 -3.83 35.33
N LYS B 49 -38.69 -2.80 35.37
CA LYS B 49 -39.17 -1.52 35.90
C LYS B 49 -39.77 -0.73 34.76
N PRO B 50 -40.84 0.01 35.08
CA PRO B 50 -41.51 0.97 34.20
C PRO B 50 -40.50 1.97 33.63
N GLU B 51 -39.76 2.63 34.51
CA GLU B 51 -38.94 3.74 34.05
C GLU B 51 -37.71 3.27 33.29
N SER B 52 -37.50 1.97 33.22
CA SER B 52 -36.49 1.43 32.33
C SER B 52 -36.96 1.53 30.91
N ARG B 53 -38.26 1.78 30.71
CA ARG B 53 -38.82 1.81 29.35
C ARG B 53 -38.68 3.18 28.72
N SER B 54 -38.29 4.16 29.52
CA SER B 54 -38.07 5.48 28.97
C SER B 54 -36.60 5.69 28.54
N ILE B 55 -35.80 4.63 28.59
CA ILE B 55 -34.36 4.78 28.34
C ILE B 55 -34.08 4.94 26.84
N GLN B 56 -33.44 6.03 26.45
CA GLN B 56 -33.24 6.31 25.03
C GLN B 56 -31.81 6.08 24.55
N MET B 57 -30.84 6.29 25.45
CA MET B 57 -29.45 5.99 25.15
C MET B 57 -28.93 5.07 26.24
N LEU B 58 -28.08 4.11 25.89
CA LEU B 58 -27.25 3.47 26.89
C LEU B 58 -25.79 3.72 26.58
N VAL B 59 -25.07 4.23 27.58
CA VAL B 59 -23.64 4.36 27.48
C VAL B 59 -23.06 3.18 28.21
N ILE B 60 -22.23 2.42 27.51
CA ILE B 60 -21.69 1.17 28.01
C ILE B 60 -20.20 1.29 28.26
N ASP B 61 -19.81 1.22 29.51
CA ASP B 61 -18.41 1.33 29.86
C ASP B 61 -17.74 -0.01 29.59
N TYR B 62 -17.02 -0.08 28.49
CA TYR B 62 -16.49 -1.35 28.05
C TYR B 62 -15.48 -1.89 29.04
N SER B 63 -15.01 -1.05 29.95
CA SER B 63 -13.98 -1.49 30.89
C SER B 63 -14.55 -2.29 32.05
N ARG B 64 -15.83 -2.07 32.37
CA ARG B 64 -16.46 -2.82 33.44
C ARG B 64 -17.35 -3.88 32.85
N ILE B 65 -17.08 -4.27 31.62
CA ILE B 65 -17.92 -5.29 31.01
C ILE B 65 -17.33 -6.67 31.26
N SER B 66 -18.14 -7.70 31.18
CA SER B 66 -17.65 -9.07 31.35
C SER B 66 -18.66 -10.05 30.76
N ASP B 67 -18.26 -11.31 30.62
CA ASP B 67 -19.09 -12.20 29.84
C ASP B 67 -20.31 -12.73 30.59
N ASP B 68 -20.24 -12.72 31.92
CA ASP B 68 -21.39 -13.12 32.73
C ASP B 68 -22.52 -12.08 32.73
N VAL B 69 -22.21 -10.83 32.39
CA VAL B 69 -23.26 -9.83 32.36
C VAL B 69 -23.90 -9.71 30.99
N LEU B 70 -23.26 -10.30 29.99
CA LEU B 70 -23.68 -10.11 28.61
C LEU B 70 -25.12 -10.58 28.40
N THR B 71 -25.39 -11.78 28.87
CA THR B 71 -26.69 -12.38 28.68
C THR B 71 -27.72 -11.59 29.48
N ASP B 72 -27.37 -11.18 30.70
CA ASP B 72 -28.28 -10.31 31.45
C ASP B 72 -28.65 -9.06 30.62
N TYR B 73 -27.73 -8.63 29.75
CA TYR B 73 -27.89 -7.40 29.02
C TYR B 73 -28.85 -7.52 27.86
N SER B 74 -28.65 -8.51 27.00
CA SER B 74 -29.52 -8.66 25.85
C SER B 74 -30.96 -8.74 26.30
N SER B 75 -31.19 -9.50 27.36
CA SER B 75 -32.54 -9.58 27.89
C SER B 75 -33.01 -8.21 28.39
N PHE B 76 -32.28 -7.59 29.31
CA PHE B 76 -32.66 -6.23 29.73
C PHE B 76 -32.99 -5.31 28.56
N LYS B 77 -32.23 -5.40 27.47
CA LYS B 77 -32.32 -4.40 26.39
C LYS B 77 -33.55 -4.60 25.53
N HIS B 78 -33.69 -5.82 25.00
CA HIS B 78 -34.89 -6.23 24.32
C HIS B 78 -36.19 -5.99 25.12
N ILE B 79 -36.22 -6.46 26.35
CA ILE B 79 -37.34 -6.27 27.25
C ILE B 79 -37.73 -4.83 27.63
N SER B 80 -36.78 -3.96 27.90
CA SER B 80 -37.15 -2.62 28.33
C SER B 80 -37.03 -1.51 27.30
N CYS B 81 -35.86 -1.41 26.70
CA CYS B 81 -35.61 -0.36 25.74
C CYS B 81 -34.90 -0.88 24.52
N PRO B 82 -35.59 -1.68 23.72
CA PRO B 82 -34.99 -2.25 22.54
C PRO B 82 -34.54 -1.20 21.56
N ASP B 83 -35.30 -0.12 21.49
CA ASP B 83 -35.09 0.92 20.50
C ASP B 83 -34.17 2.02 20.98
N ALA B 84 -33.49 1.80 22.11
CA ALA B 84 -32.57 2.83 22.61
C ALA B 84 -31.24 2.77 21.86
N LYS B 85 -30.63 3.93 21.64
CA LYS B 85 -29.29 4.00 21.07
C LYS B 85 -28.29 3.33 22.03
N GLU B 86 -27.27 2.66 21.50
CA GLU B 86 -26.22 2.16 22.36
C GLU B 86 -24.92 2.90 22.04
N VAL B 87 -24.17 3.31 23.06
CA VAL B 87 -22.85 3.93 22.84
C VAL B 87 -21.83 3.28 23.74
N ILE B 88 -20.71 2.86 23.17
CA ILE B 88 -19.59 2.23 23.90
C ILE B 88 -18.56 3.26 24.35
N ILE B 89 -18.11 3.23 25.60
CA ILE B 89 -16.95 4.06 25.97
C ILE B 89 -15.83 3.24 26.61
N ASN B 90 -14.65 3.85 26.75
CA ASN B 90 -13.48 3.15 27.29
C ASN B 90 -13.17 1.89 26.54
N CYS B 91 -13.39 1.93 25.24
CA CYS B 91 -13.23 0.75 24.41
C CYS B 91 -11.76 0.53 24.11
N PRO B 92 -11.29 -0.71 24.15
CA PRO B 92 -9.86 -0.84 23.89
C PRO B 92 -9.52 -0.48 22.44
N GLN B 93 -8.28 -0.05 22.24
CA GLN B 93 -7.77 0.36 20.94
C GLN B 93 -7.75 -0.78 19.95
N ASP B 94 -7.44 -1.95 20.47
CA ASP B 94 -7.21 -3.13 19.66
C ASP B 94 -8.40 -4.05 19.74
N ILE B 95 -9.60 -3.51 19.77
CA ILE B 95 -10.75 -4.38 19.83
C ILE B 95 -10.99 -5.05 18.48
N GLU B 96 -11.59 -6.24 18.47
CA GLU B 96 -11.95 -6.91 17.22
C GLU B 96 -13.36 -6.50 16.82
N HIS B 97 -13.46 -5.55 15.89
CA HIS B 97 -14.71 -4.84 15.66
C HIS B 97 -15.96 -5.72 15.50
N LYS B 98 -15.84 -6.91 14.91
CA LYS B 98 -16.98 -7.84 14.83
C LYS B 98 -17.64 -7.98 16.22
N LEU B 99 -16.81 -8.10 17.26
CA LEU B 99 -17.25 -8.15 18.64
C LEU B 99 -18.25 -7.05 18.99
N LEU B 100 -18.30 -5.99 18.19
CA LEU B 100 -19.19 -4.89 18.49
C LEU B 100 -20.55 -5.01 17.81
N PHE B 101 -20.66 -5.84 16.79
CA PHE B 101 -21.95 -5.94 16.10
C PHE B 101 -23.05 -6.39 17.06
N LYS B 102 -22.63 -7.11 18.10
CA LYS B 102 -23.54 -7.61 19.12
C LYS B 102 -24.39 -6.50 19.71
N TRP B 103 -23.98 -5.26 19.48
CA TRP B 103 -24.73 -4.09 19.97
C TRP B 103 -25.60 -3.56 18.83
N ASN B 104 -26.82 -4.06 18.77
CA ASN B 104 -27.66 -3.88 17.61
C ASN B 104 -28.06 -2.45 17.31
N ASN B 105 -27.84 -1.53 18.25
CA ASN B 105 -28.13 -0.13 18.01
C ASN B 105 -26.98 0.77 18.32
N LEU B 106 -25.77 0.21 18.20
CA LEU B 106 -24.54 0.94 18.38
C LEU B 106 -24.64 2.17 17.51
N ALA B 107 -24.40 3.33 18.12
CA ALA B 107 -24.50 4.63 17.45
C ALA B 107 -23.17 5.38 17.52
N GLY B 108 -22.32 4.98 18.44
CA GLY B 108 -21.01 5.58 18.58
C GLY B 108 -20.09 4.72 19.43
N VAL B 109 -18.79 4.94 19.28
CA VAL B 109 -17.80 4.22 20.06
C VAL B 109 -16.67 5.16 20.50
N PHE B 110 -16.26 5.11 21.75
CA PHE B 110 -15.18 5.95 22.24
C PHE B 110 -14.09 5.11 22.87
N TYR B 111 -12.84 5.42 22.58
CA TYR B 111 -11.76 4.50 22.89
C TYR B 111 -11.11 4.84 24.21
N ILE B 112 -10.44 3.88 24.81
CA ILE B 112 -9.90 4.08 26.14
C ILE B 112 -9.21 5.44 26.27
N ASP B 113 -8.40 5.78 25.29
CA ASP B 113 -7.64 7.00 25.41
C ASP B 113 -8.17 8.16 24.58
N ASP B 114 -9.47 8.29 24.46
CA ASP B 114 -10.06 9.52 23.94
C ASP B 114 -10.19 10.50 25.11
N ASP B 115 -10.15 11.80 24.85
CA ASP B 115 -10.33 12.79 25.92
C ASP B 115 -11.73 13.38 25.94
N MET B 116 -12.03 14.20 26.95
CA MET B 116 -13.38 14.69 27.10
C MET B 116 -13.76 15.60 25.95
N ASP B 117 -12.76 16.17 25.28
CA ASP B 117 -13.02 17.08 24.16
C ASP B 117 -13.61 16.31 22.99
N THR B 118 -13.09 15.10 22.79
CA THR B 118 -13.62 14.20 21.80
C THR B 118 -14.99 13.70 22.21
N LEU B 119 -15.10 13.25 23.46
CA LEU B 119 -16.34 12.63 23.90
C LEU B 119 -17.47 13.62 23.73
N ILE B 120 -17.22 14.87 24.04
CA ILE B 120 -18.28 15.84 23.90
C ILE B 120 -18.63 16.09 22.42
N LYS B 121 -17.60 16.25 21.59
CA LYS B 121 -17.80 16.40 20.15
C LYS B 121 -18.60 15.24 19.59
N GLY B 122 -18.13 14.02 19.82
CA GLY B 122 -18.89 12.82 19.52
C GLY B 122 -20.34 12.91 19.98
N MET B 123 -20.57 12.83 21.29
CA MET B 123 -21.93 12.67 21.80
C MET B 123 -22.87 13.70 21.20
N SER B 124 -22.34 14.89 20.97
CA SER B 124 -23.13 15.98 20.40
C SER B 124 -23.60 15.66 18.99
N LYS B 125 -22.77 14.93 18.24
CA LYS B 125 -23.14 14.52 16.91
C LYS B 125 -24.15 13.39 17.01
N ILE B 126 -23.97 12.53 17.99
CA ILE B 126 -24.90 11.44 18.15
C ILE B 126 -26.22 12.01 18.64
N LEU B 127 -26.18 13.11 19.36
CA LEU B 127 -27.43 13.73 19.75
C LEU B 127 -28.13 14.36 18.52
N GLN B 128 -27.35 14.50 17.44
CA GLN B 128 -27.80 15.03 16.15
C GLN B 128 -28.26 13.90 15.21
N ASP B 129 -28.30 12.68 15.73
CA ASP B 129 -28.65 11.50 14.95
C ASP B 129 -27.60 11.12 13.91
N GLU B 130 -26.36 11.54 14.13
CA GLU B 130 -25.24 11.01 13.37
C GLU B 130 -24.67 9.79 14.10
N MET B 131 -23.67 9.14 13.53
CA MET B 131 -23.00 8.06 14.24
C MET B 131 -21.55 8.49 14.38
N TRP B 132 -20.89 8.02 15.43
CA TRP B 132 -19.52 8.39 15.68
C TRP B 132 -18.64 7.17 15.49
N LEU B 133 -18.35 6.87 14.23
CA LEU B 133 -17.55 5.70 13.92
C LEU B 133 -16.22 6.08 13.32
N THR B 134 -15.25 5.22 13.61
CA THR B 134 -13.94 5.31 13.04
C THR B 134 -14.08 4.86 11.58
N ARG B 135 -13.04 5.02 10.79
CA ARG B 135 -13.15 4.58 9.40
C ARG B 135 -13.04 3.06 9.36
N LYS B 136 -12.13 2.48 10.14
CA LYS B 136 -12.04 1.01 10.25
C LYS B 136 -13.35 0.35 10.64
N LEU B 137 -14.10 0.95 11.55
CA LEU B 137 -15.32 0.32 12.01
C LEU B 137 -16.38 0.35 10.92
N ALA B 138 -16.67 1.52 10.41
CA ALA B 138 -17.62 1.64 9.34
C ALA B 138 -17.25 0.67 8.21
N GLN B 139 -15.96 0.48 7.98
CA GLN B 139 -15.55 -0.48 6.98
C GLN B 139 -15.95 -1.93 7.31
N GLU B 140 -15.69 -2.38 8.53
CA GLU B 140 -16.06 -3.72 8.95
C GLU B 140 -17.55 -3.95 8.89
N TYR B 141 -18.32 -2.97 9.34
CA TYR B 141 -19.76 -3.04 9.17
C TYR B 141 -20.11 -3.30 7.73
N ILE B 142 -19.80 -2.35 6.87
CA ILE B 142 -20.11 -2.48 5.48
C ILE B 142 -19.61 -3.78 4.89
N LEU B 143 -18.36 -4.12 5.11
CA LEU B 143 -17.85 -5.33 4.52
C LEU B 143 -18.67 -6.51 4.99
N HIS B 144 -19.01 -6.53 6.27
CA HIS B 144 -19.80 -7.62 6.79
C HIS B 144 -21.24 -7.69 6.26
N TYR B 145 -21.95 -6.58 6.31
CA TYR B 145 -23.33 -6.58 5.85
C TYR B 145 -23.43 -6.77 4.36
N ARG B 146 -22.54 -6.07 3.67
CA ARG B 146 -22.42 -6.16 2.19
C ARG B 146 -22.26 -7.63 1.76
N ALA B 147 -21.50 -8.39 2.52
CA ALA B 147 -21.43 -9.84 2.31
C ALA B 147 -22.67 -10.54 2.86
N GLY B 148 -23.57 -9.78 3.45
CA GLY B 148 -24.86 -10.26 3.93
C GLY B 148 -24.97 -10.93 5.27
N ASN B 149 -23.88 -11.03 6.02
CA ASN B 149 -23.95 -11.67 7.32
C ASN B 149 -24.75 -10.86 8.29
N SER B 150 -25.42 -11.52 9.21
CA SER B 150 -26.22 -10.83 10.19
C SER B 150 -25.53 -10.92 11.52
N VAL B 151 -25.98 -11.87 12.33
CA VAL B 151 -25.43 -12.09 13.64
C VAL B 151 -24.05 -12.74 13.57
N VAL B 152 -23.25 -12.51 14.58
CA VAL B 152 -21.92 -13.08 14.67
C VAL B 152 -21.95 -14.18 15.69
N THR B 153 -21.50 -15.38 15.33
CA THR B 153 -21.56 -16.47 16.28
C THR B 153 -20.57 -16.24 17.43
N SER B 154 -21.07 -16.37 18.66
CA SER B 154 -20.33 -16.05 19.88
C SER B 154 -19.29 -17.11 20.24
N GLN B 155 -18.35 -16.78 21.14
CA GLN B 155 -17.37 -17.77 21.60
C GLN B 155 -17.99 -18.77 22.58
N MET B 156 -18.97 -18.31 23.37
CA MET B 156 -19.68 -19.20 24.27
C MET B 156 -20.27 -20.39 23.50
N TYR B 157 -20.84 -20.11 22.32
CA TYR B 157 -21.45 -21.15 21.50
C TYR B 157 -20.46 -22.24 21.05
N ALA B 158 -19.38 -21.81 20.40
CA ALA B 158 -18.35 -22.73 19.94
C ALA B 158 -17.87 -23.68 21.05
N LYS B 159 -18.07 -23.29 22.30
CA LYS B 159 -17.54 -24.01 23.46
C LYS B 159 -18.34 -25.25 23.90
N LEU B 160 -19.63 -25.28 23.58
CA LEU B 160 -20.48 -26.39 24.04
C LEU B 160 -20.64 -27.51 23.01
N THR B 161 -20.89 -28.73 23.49
CA THR B 161 -20.90 -29.93 22.66
C THR B 161 -21.89 -29.88 21.50
N LYS B 162 -21.74 -30.80 20.55
CA LYS B 162 -22.55 -30.77 19.32
C LYS B 162 -24.05 -30.81 19.62
N ARG B 163 -24.45 -31.65 20.56
CA ARG B 163 -25.84 -31.71 21.03
C ARG B 163 -26.32 -30.32 21.45
N GLU B 164 -25.59 -29.70 22.37
CA GLU B 164 -26.00 -28.43 22.95
C GLU B 164 -26.20 -27.38 21.86
N GLN B 165 -25.28 -27.35 20.90
CA GLN B 165 -25.34 -26.47 19.74
C GLN B 165 -26.62 -26.69 18.96
N GLN B 166 -26.85 -27.93 18.54
CA GLN B 166 -28.08 -28.33 17.87
C GLN B 166 -29.35 -27.91 18.64
N ILE B 167 -29.32 -28.07 19.96
CA ILE B 167 -30.46 -27.77 20.82
C ILE B 167 -30.64 -26.27 21.05
N ILE B 168 -29.54 -25.52 21.06
CA ILE B 168 -29.61 -24.07 21.28
C ILE B 168 -30.01 -23.34 19.99
N LYS B 169 -29.44 -23.72 18.86
CA LYS B 169 -29.82 -23.15 17.58
C LYS B 169 -31.34 -23.25 17.35
N LEU B 170 -31.93 -24.40 17.69
CA LEU B 170 -33.36 -24.58 17.48
C LEU B 170 -34.15 -23.71 18.46
N LEU B 171 -33.54 -23.40 19.60
CA LEU B 171 -34.16 -22.51 20.58
C LEU B 171 -34.09 -21.05 20.10
N GLY B 172 -32.98 -20.71 19.42
CA GLY B 172 -32.77 -19.38 18.85
C GLY B 172 -33.44 -19.23 17.50
N SER B 173 -34.47 -20.04 17.32
CA SER B 173 -35.36 -20.05 16.18
C SER B 173 -36.74 -20.17 16.82
N GLY B 174 -36.79 -19.94 18.11
CA GLY B 174 -38.02 -19.99 18.87
C GLY B 174 -38.75 -21.33 18.81
N ALA B 175 -38.00 -22.42 18.66
CA ALA B 175 -38.61 -23.74 18.73
C ALA B 175 -39.07 -24.09 20.16
N SER B 176 -40.11 -24.93 20.24
CA SER B 176 -40.65 -25.41 21.51
C SER B 176 -39.71 -26.47 22.10
N ASN B 177 -39.97 -26.91 23.32
CA ASN B 177 -39.21 -28.02 23.92
C ASN B 177 -39.48 -29.34 23.22
N ILE B 178 -40.76 -29.56 22.93
CA ILE B 178 -41.21 -30.76 22.23
C ILE B 178 -40.85 -30.67 20.74
N GLU B 179 -40.86 -29.46 20.19
CA GLU B 179 -40.49 -29.23 18.79
C GLU B 179 -39.00 -29.48 18.51
N ILE B 180 -38.17 -29.39 19.56
CA ILE B 180 -36.74 -29.67 19.47
C ILE B 180 -36.48 -31.17 19.64
N ALA B 181 -37.10 -31.75 20.67
CA ALA B 181 -37.05 -33.19 20.91
C ALA B 181 -37.46 -34.00 19.67
N ASP B 182 -38.27 -33.40 18.80
CA ASP B 182 -38.78 -34.07 17.60
C ASP B 182 -37.86 -33.91 16.38
N LYS B 183 -37.18 -32.78 16.27
CA LYS B 183 -36.28 -32.56 15.13
C LYS B 183 -34.95 -33.28 15.27
N LEU B 184 -34.62 -33.68 16.51
CA LEU B 184 -33.37 -34.40 16.79
C LEU B 184 -33.63 -35.86 17.20
N PHE B 185 -34.90 -36.23 17.36
CA PHE B 185 -35.31 -37.58 17.75
C PHE B 185 -34.79 -37.96 19.14
N VAL B 186 -35.30 -37.30 20.16
CA VAL B 186 -34.81 -37.47 21.52
C VAL B 186 -35.90 -37.14 22.53
N SER B 187 -35.79 -37.68 23.73
CA SER B 187 -36.75 -37.42 24.81
C SER B 187 -36.95 -35.91 25.05
N GLU B 188 -38.21 -35.48 25.15
CA GLU B 188 -38.50 -34.09 25.48
C GLU B 188 -37.88 -33.76 26.84
N ASN B 189 -37.79 -34.76 27.70
CA ASN B 189 -37.14 -34.60 29.01
C ASN B 189 -35.61 -34.72 28.91
N THR B 190 -35.11 -34.97 27.70
CA THR B 190 -33.67 -35.08 27.46
C THR B 190 -33.10 -33.74 27.01
N VAL B 191 -33.76 -33.13 26.05
CA VAL B 191 -33.43 -31.78 25.61
C VAL B 191 -33.54 -30.85 26.83
N LYS B 192 -34.58 -31.03 27.63
CA LYS B 192 -34.83 -30.26 28.85
C LYS B 192 -33.70 -30.46 29.88
N THR B 193 -32.95 -31.54 29.74
CA THR B 193 -31.82 -31.78 30.65
C THR B 193 -30.57 -31.08 30.13
N HIS B 194 -30.40 -31.10 28.81
CA HIS B 194 -29.30 -30.42 28.14
C HIS B 194 -29.40 -28.92 28.34
N LEU B 195 -30.58 -28.35 28.11
CA LEU B 195 -30.80 -26.93 28.32
C LEU B 195 -30.32 -26.49 29.69
N HIS B 196 -30.63 -27.24 30.74
CA HIS B 196 -30.22 -26.83 32.07
C HIS B 196 -28.70 -26.71 32.20
N ASN B 197 -27.96 -27.50 31.44
CA ASN B 197 -26.50 -27.40 31.46
C ASN B 197 -26.03 -26.18 30.67
N VAL B 198 -26.67 -25.95 29.53
CA VAL B 198 -26.37 -24.82 28.67
C VAL B 198 -26.53 -23.52 29.42
N PHE B 199 -27.71 -23.31 29.99
CA PHE B 199 -28.01 -22.14 30.82
C PHE B 199 -26.94 -21.89 31.86
N LYS B 200 -26.14 -22.90 32.15
CA LYS B 200 -25.13 -22.77 33.20
C LYS B 200 -23.90 -22.13 32.60
N LYS B 201 -23.57 -22.53 31.37
CA LYS B 201 -22.46 -21.96 30.63
C LYS B 201 -22.78 -20.56 30.06
N ILE B 202 -23.93 -20.47 29.40
CA ILE B 202 -24.41 -19.21 28.87
C ILE B 202 -24.63 -18.25 30.01
N ASN B 203 -25.09 -18.77 31.14
CA ASN B 203 -25.35 -17.91 32.27
C ASN B 203 -26.79 -17.43 32.35
N ALA B 204 -27.65 -18.00 31.52
CA ALA B 204 -29.06 -17.63 31.53
C ALA B 204 -29.73 -18.00 32.84
N LYS B 205 -30.65 -17.15 33.29
CA LYS B 205 -31.41 -17.38 34.50
C LYS B 205 -32.63 -18.24 34.22
N ASN B 206 -33.13 -18.13 33.00
CA ASN B 206 -34.30 -18.90 32.59
C ASN B 206 -34.26 -19.19 31.10
N ARG B 207 -35.40 -19.57 30.53
CA ARG B 207 -35.45 -19.96 29.14
C ARG B 207 -35.53 -18.75 28.21
N LEU B 208 -36.34 -17.78 28.61
CA LEU B 208 -36.47 -16.52 27.87
C LEU B 208 -35.11 -15.86 27.66
N GLN B 209 -34.30 -15.81 28.73
CA GLN B 209 -32.93 -15.30 28.68
C GLN B 209 -32.12 -16.08 27.65
N ALA B 210 -32.25 -17.39 27.66
CA ALA B 210 -31.48 -18.21 26.73
C ALA B 210 -31.89 -17.94 25.29
N LEU B 211 -33.20 -17.81 25.06
CA LEU B 211 -33.64 -17.70 23.68
C LEU B 211 -33.33 -16.33 23.10
N ILE B 212 -33.40 -15.30 23.92
CA ILE B 212 -32.95 -13.98 23.49
C ILE B 212 -31.46 -14.06 23.30
N TRP B 213 -30.81 -14.90 24.11
CA TRP B 213 -29.38 -15.05 23.95
C TRP B 213 -29.15 -15.64 22.58
N ALA B 214 -29.88 -16.71 22.30
CA ALA B 214 -29.70 -17.39 21.03
C ALA B 214 -29.84 -16.43 19.84
N LYS B 215 -30.90 -15.63 19.82
CA LYS B 215 -31.11 -14.72 18.69
C LYS B 215 -29.99 -13.71 18.48
N ASN B 216 -29.22 -13.44 19.54
CA ASN B 216 -28.16 -12.44 19.47
C ASN B 216 -26.79 -13.08 19.23
N ASN B 217 -26.67 -14.38 19.47
CA ASN B 217 -25.35 -15.02 19.55
C ASN B 217 -25.09 -16.26 18.68
N ILE B 218 -26.06 -16.68 17.87
CA ILE B 218 -25.94 -17.98 17.20
C ILE B 218 -26.33 -17.98 15.72
N GLY B 219 -26.35 -16.81 15.10
CA GLY B 219 -26.40 -16.75 13.64
C GLY B 219 -25.07 -17.29 13.16
N ILE B 220 -25.04 -17.87 11.96
CA ILE B 220 -26.21 -18.00 11.11
C ILE B 220 -26.73 -19.45 11.11
N GLU C 5 0.47 -3.53 12.08
CA GLU C 5 1.81 -3.70 11.54
C GLU C 5 1.78 -4.01 10.05
N ASN C 6 0.74 -3.53 9.38
CA ASN C 6 0.70 -3.59 7.91
C ASN C 6 1.57 -2.51 7.31
N LYS C 7 1.93 -1.54 8.14
CA LYS C 7 2.65 -0.32 7.74
C LYS C 7 4.16 -0.47 7.81
N LEU C 8 4.85 0.36 7.05
CA LEU C 8 6.31 0.41 7.09
C LEU C 8 6.74 1.04 8.41
N ASN C 9 7.69 0.40 9.10
CA ASN C 9 8.27 0.97 10.32
C ASN C 9 9.35 1.96 9.96
N VAL C 10 9.00 3.24 10.03
CA VAL C 10 9.94 4.31 9.68
C VAL C 10 10.32 5.03 10.93
N ARG C 11 11.60 5.34 11.04
CA ARG C 11 12.11 6.09 12.17
C ARG C 11 12.80 7.31 11.57
N MET C 12 12.31 8.49 11.93
CA MET C 12 12.92 9.73 11.48
C MET C 12 13.91 10.20 12.53
N LEU C 13 15.19 10.25 12.14
CA LEU C 13 16.26 10.73 13.01
C LEU C 13 16.36 12.24 12.95
N SER C 14 15.58 12.93 13.78
CA SER C 14 15.57 14.37 13.81
C SER C 14 15.22 14.82 15.23
N ASP C 15 15.18 16.13 15.47
CA ASP C 15 14.69 16.61 16.76
C ASP C 15 13.15 16.68 16.77
N VAL C 16 12.53 16.58 17.93
CA VAL C 16 11.08 16.65 17.93
C VAL C 16 10.64 18.07 18.28
N CYS C 17 9.63 18.55 17.56
CA CYS C 17 9.25 19.95 17.63
C CYS C 17 8.06 20.19 16.68
N MET C 18 7.53 21.40 16.65
CA MET C 18 6.35 21.65 15.83
C MET C 18 6.48 21.12 14.41
N GLN C 19 7.53 21.57 13.71
CA GLN C 19 7.78 21.17 12.32
C GLN C 19 7.90 19.66 12.11
N SER C 20 8.81 19.02 12.84
CA SER C 20 9.01 17.58 12.74
C SER C 20 7.71 16.79 12.79
N ARG C 21 6.89 17.06 13.81
CA ARG C 21 5.61 16.39 13.95
C ARG C 21 4.67 16.77 12.81
N LEU C 22 4.88 17.94 12.23
CA LEU C 22 4.02 18.42 11.17
C LEU C 22 4.30 17.61 9.92
N LEU C 23 5.58 17.32 9.70
CA LEU C 23 6.09 16.51 8.60
C LEU C 23 5.80 15.02 8.82
N LYS C 24 5.99 14.57 10.07
CA LYS C 24 5.61 13.21 10.49
C LYS C 24 4.16 12.86 10.09
N GLU C 25 3.23 13.78 10.33
CA GLU C 25 1.84 13.48 10.05
C GLU C 25 1.53 13.74 8.58
N ALA C 26 2.30 14.61 7.94
CA ALA C 26 2.16 14.81 6.50
C ALA C 26 2.60 13.55 5.77
N LEU C 27 3.72 12.97 6.19
CA LEU C 27 4.19 11.72 5.62
C LEU C 27 3.21 10.58 5.87
N GLU C 28 2.70 10.46 7.09
CA GLU C 28 1.75 9.39 7.43
C GLU C 28 0.35 9.57 6.81
N SER C 29 0.10 10.74 6.24
CA SER C 29 -1.16 11.05 5.60
C SER C 29 -1.25 10.53 4.19
N LYS C 30 -0.12 10.42 3.49
CA LYS C 30 -0.13 10.09 2.07
C LYS C 30 0.59 8.78 1.74
N LEU C 31 1.34 8.26 2.68
CA LEU C 31 2.11 7.05 2.44
C LEU C 31 1.81 6.02 3.55
N PRO C 32 1.98 4.72 3.24
CA PRO C 32 1.58 3.61 4.12
C PRO C 32 2.59 3.32 5.23
N LEU C 33 2.87 4.32 6.08
CA LEU C 33 3.95 4.18 7.06
C LEU C 33 3.58 4.68 8.47
N ALA C 34 4.17 4.00 9.44
CA ALA C 34 4.09 4.35 10.85
C ALA C 34 5.45 4.92 11.25
N LEU C 35 5.51 6.24 11.36
CA LEU C 35 6.77 6.92 11.60
C LEU C 35 6.88 7.39 13.04
N GLU C 36 8.09 7.26 13.61
CA GLU C 36 8.42 7.71 14.97
C GLU C 36 9.64 8.60 14.87
N ILE C 37 9.67 9.68 15.65
CA ILE C 37 10.86 10.55 15.65
C ILE C 37 11.78 10.30 16.85
N THR C 38 13.06 10.09 16.57
CA THR C 38 14.10 10.00 17.59
C THR C 38 15.26 10.93 17.25
N PRO C 39 15.72 11.75 18.23
CA PRO C 39 16.83 12.67 17.95
C PRO C 39 18.16 11.95 17.88
N PHE C 40 19.08 12.48 17.09
CA PHE C 40 20.39 11.88 16.93
C PHE C 40 21.11 11.66 18.26
N SER C 41 20.94 12.62 19.17
CA SER C 41 21.58 12.59 20.48
C SER C 41 21.19 11.35 21.28
N GLU C 42 19.94 10.94 21.12
CA GLU C 42 19.32 9.92 21.96
C GLU C 42 19.38 8.54 21.30
N LEU C 43 20.18 8.42 20.24
CA LEU C 43 20.18 7.22 19.41
C LEU C 43 20.74 6.00 20.14
N TRP C 44 21.81 6.22 20.89
CA TRP C 44 22.44 5.17 21.69
C TRP C 44 21.45 4.47 22.63
N LEU C 45 20.42 5.18 23.05
CA LEU C 45 19.41 4.64 23.96
C LEU C 45 18.57 3.54 23.31
N GLU C 46 18.41 3.60 21.99
CA GLU C 46 17.56 2.67 21.27
C GLU C 46 18.34 1.46 20.77
N GLU C 47 19.67 1.55 20.85
CA GLU C 47 20.55 0.54 20.27
C GLU C 47 20.13 -0.88 20.65
N ASN C 48 19.82 -1.08 21.93
CA ASN C 48 19.58 -2.43 22.45
C ASN C 48 18.09 -2.76 22.70
N LYS C 49 17.20 -1.80 22.44
CA LYS C 49 15.75 -2.04 22.50
C LYS C 49 15.30 -3.02 21.42
N PRO C 50 14.42 -3.96 21.79
CA PRO C 50 13.83 -4.98 20.89
C PRO C 50 13.00 -4.34 19.76
N GLU C 51 12.43 -3.17 20.03
CA GLU C 51 11.56 -2.49 19.06
C GLU C 51 12.37 -1.84 17.94
N SER C 52 13.59 -1.43 18.25
CA SER C 52 14.48 -0.85 17.25
C SER C 52 14.91 -1.91 16.22
N ARG C 53 14.65 -3.18 16.50
CA ARG C 53 14.91 -4.24 15.52
C ARG C 53 13.81 -4.31 14.47
N SER C 54 12.75 -3.54 14.68
CA SER C 54 11.59 -3.55 13.80
C SER C 54 11.70 -2.49 12.72
N ILE C 55 12.68 -1.60 12.84
CA ILE C 55 12.82 -0.49 11.89
C ILE C 55 13.24 -0.96 10.49
N GLN C 56 12.54 -0.45 9.47
CA GLN C 56 12.70 -0.90 8.09
C GLN C 56 13.11 0.28 7.20
N MET C 57 12.93 1.49 7.72
CA MET C 57 13.42 2.69 7.06
C MET C 57 13.94 3.68 8.09
N LEU C 58 15.02 4.37 7.71
CA LEU C 58 15.56 5.47 8.51
C LEU C 58 15.53 6.73 7.67
N VAL C 59 14.93 7.78 8.21
CA VAL C 59 14.95 9.07 7.56
C VAL C 59 15.87 9.96 8.37
N ILE C 60 16.92 10.42 7.71
CA ILE C 60 18.00 11.19 8.30
C ILE C 60 17.88 12.66 7.92
N ASP C 61 17.62 13.51 8.91
CA ASP C 61 17.57 14.96 8.68
C ASP C 61 19.00 15.48 8.62
N TYR C 62 19.51 15.67 7.41
CA TYR C 62 20.93 15.97 7.22
C TYR C 62 21.31 17.27 7.89
N SER C 63 20.31 18.10 8.16
CA SER C 63 20.56 19.35 8.86
C SER C 63 20.95 19.14 10.33
N ARG C 64 20.28 18.20 11.00
CA ARG C 64 20.56 17.93 12.40
C ARG C 64 21.68 16.89 12.61
N ILE C 65 22.44 16.58 11.57
CA ILE C 65 23.49 15.59 11.74
C ILE C 65 24.81 16.26 12.14
N SER C 66 25.67 15.52 12.84
CA SER C 66 27.00 16.00 13.28
C SER C 66 28.02 14.86 13.40
N ASP C 67 29.29 15.20 13.55
CA ASP C 67 30.36 14.19 13.50
C ASP C 67 30.45 13.30 14.76
N ASP C 68 29.91 13.80 15.87
CA ASP C 68 29.98 13.08 17.14
C ASP C 68 28.77 12.17 17.36
N VAL C 69 27.81 12.26 16.45
CA VAL C 69 26.69 11.33 16.42
C VAL C 69 26.93 10.18 15.42
N LEU C 70 27.78 10.41 14.42
CA LEU C 70 28.01 9.42 13.39
C LEU C 70 28.40 8.06 13.93
N THR C 71 29.22 8.04 14.97
CA THR C 71 29.68 6.79 15.56
C THR C 71 28.56 6.05 16.27
N ASP C 72 27.67 6.80 16.90
CA ASP C 72 26.57 6.23 17.67
C ASP C 72 25.57 5.64 16.71
N TYR C 73 25.50 6.26 15.53
CA TYR C 73 24.56 5.86 14.50
C TYR C 73 25.02 4.57 13.88
N SER C 74 26.31 4.52 13.53
CA SER C 74 26.86 3.38 12.82
C SER C 74 26.68 2.10 13.63
N SER C 75 26.79 2.21 14.94
CA SER C 75 26.62 1.06 15.83
C SER C 75 25.13 0.72 16.04
N PHE C 76 24.29 1.74 16.17
CA PHE C 76 22.83 1.56 16.24
C PHE C 76 22.33 0.85 14.99
N LYS C 77 22.74 1.35 13.82
CA LYS C 77 22.34 0.76 12.56
C LYS C 77 22.75 -0.70 12.44
N HIS C 78 23.98 -1.01 12.83
CA HIS C 78 24.49 -2.38 12.72
C HIS C 78 23.83 -3.33 13.71
N ILE C 79 23.59 -2.82 14.92
CA ILE C 79 23.10 -3.62 16.02
C ILE C 79 21.62 -3.96 15.91
N SER C 80 20.79 -2.98 15.57
CA SER C 80 19.33 -3.16 15.62
C SER C 80 18.61 -3.34 14.27
N CYS C 81 19.09 -2.66 13.24
CA CYS C 81 18.39 -2.69 11.96
C CYS C 81 19.34 -2.51 10.77
N PRO C 82 20.26 -3.47 10.56
CA PRO C 82 21.33 -3.32 9.57
C PRO C 82 20.79 -3.31 8.15
N ASP C 83 19.61 -3.90 7.97
CA ASP C 83 19.02 -4.13 6.66
C ASP C 83 17.97 -3.08 6.31
N ALA C 84 17.77 -2.10 7.20
CA ALA C 84 16.82 -1.02 6.95
C ALA C 84 17.33 -0.04 5.90
N LYS C 85 16.43 0.53 5.13
CA LYS C 85 16.81 1.50 4.09
C LYS C 85 17.11 2.88 4.71
N GLU C 86 18.00 3.63 4.08
CA GLU C 86 18.32 4.94 4.62
C GLU C 86 17.94 6.05 3.64
N VAL C 87 17.13 6.99 4.09
CA VAL C 87 16.71 8.08 3.21
C VAL C 87 17.19 9.39 3.82
N ILE C 88 17.93 10.17 3.06
CA ILE C 88 18.45 11.45 3.52
C ILE C 88 17.50 12.61 3.10
N ILE C 89 17.09 13.47 4.03
CA ILE C 89 16.30 14.67 3.68
C ILE C 89 17.03 15.93 4.12
N ASN C 90 16.66 17.09 3.58
CA ASN C 90 17.31 18.37 3.94
C ASN C 90 18.80 18.43 3.63
N CYS C 91 19.22 17.65 2.65
CA CYS C 91 20.58 17.60 2.16
C CYS C 91 20.96 18.91 1.43
N PRO C 92 22.18 19.42 1.65
CA PRO C 92 22.68 20.64 0.97
C PRO C 92 22.90 20.45 -0.54
N GLN C 93 22.52 21.42 -1.36
CA GLN C 93 22.68 21.25 -2.81
C GLN C 93 24.11 20.88 -3.14
N ASP C 94 25.00 21.76 -2.69
CA ASP C 94 26.45 21.63 -2.76
C ASP C 94 27.00 20.54 -1.83
N ILE C 95 26.71 19.27 -2.13
CA ILE C 95 27.15 18.23 -1.22
C ILE C 95 28.09 17.29 -1.96
N GLU C 96 29.16 16.88 -1.30
CA GLU C 96 30.09 15.96 -1.95
C GLU C 96 29.52 14.54 -1.85
N HIS C 97 29.19 13.98 -3.00
CA HIS C 97 28.47 12.73 -3.05
C HIS C 97 29.23 11.60 -2.35
N LYS C 98 30.54 11.58 -2.51
CA LYS C 98 31.38 10.59 -1.81
C LYS C 98 30.99 10.43 -0.32
N LEU C 99 30.56 11.53 0.30
CA LEU C 99 30.24 11.53 1.73
C LEU C 99 28.97 10.75 1.99
N LEU C 100 28.17 10.57 0.94
CA LEU C 100 26.92 9.83 1.02
C LEU C 100 27.13 8.32 0.90
N PHE C 101 28.35 7.87 0.57
CA PHE C 101 28.60 6.43 0.49
C PHE C 101 28.67 5.80 1.87
N LYS C 102 28.88 6.64 2.90
CA LYS C 102 28.98 6.18 4.29
C LYS C 102 27.67 5.58 4.80
N TRP C 103 26.59 5.84 4.06
CA TRP C 103 25.28 5.28 4.33
C TRP C 103 25.15 4.04 3.45
N ASN C 104 25.23 2.88 4.07
CA ASN C 104 25.35 1.63 3.31
C ASN C 104 24.07 1.20 2.60
N ASN C 105 22.92 1.61 3.13
CA ASN C 105 21.64 1.33 2.51
C ASN C 105 20.96 2.61 2.02
N LEU C 106 21.76 3.60 1.64
CA LEU C 106 21.22 4.79 1.02
C LEU C 106 20.27 4.31 -0.07
N ALA C 107 19.04 4.87 -0.06
CA ALA C 107 18.00 4.50 -1.02
C ALA C 107 17.33 5.73 -1.65
N GLY C 108 17.54 6.89 -1.06
CA GLY C 108 16.96 8.10 -1.60
C GLY C 108 17.56 9.30 -0.93
N VAL C 109 17.64 10.40 -1.68
CA VAL C 109 18.16 11.65 -1.16
C VAL C 109 17.24 12.80 -1.52
N PHE C 110 16.90 13.59 -0.51
CA PHE C 110 16.06 14.75 -0.70
C PHE C 110 16.83 15.99 -0.31
N TYR C 111 16.79 16.99 -1.17
CA TYR C 111 17.61 18.17 -1.03
C TYR C 111 16.91 19.26 -0.24
N ILE C 112 17.66 20.29 0.16
CA ILE C 112 17.13 21.22 1.14
C ILE C 112 16.04 22.10 0.53
N ASP C 113 16.02 22.18 -0.79
CA ASP C 113 15.02 23.03 -1.41
C ASP C 113 14.12 22.23 -2.37
N ASP C 114 13.74 21.04 -1.91
CA ASP C 114 12.70 20.24 -2.54
C ASP C 114 11.39 20.51 -1.81
N ASP C 115 10.25 20.36 -2.50
CA ASP C 115 8.93 20.50 -1.85
C ASP C 115 8.32 19.16 -1.39
N MET C 116 7.15 19.23 -0.76
CA MET C 116 6.47 18.00 -0.36
C MET C 116 5.92 17.23 -1.58
N ASP C 117 5.71 17.92 -2.70
CA ASP C 117 5.32 17.21 -3.92
C ASP C 117 6.42 16.24 -4.30
N THR C 118 7.66 16.76 -4.34
CA THR C 118 8.85 15.96 -4.62
C THR C 118 9.06 14.86 -3.57
N LEU C 119 8.87 15.20 -2.30
CA LEU C 119 9.09 14.23 -1.23
C LEU C 119 8.05 13.12 -1.26
N ILE C 120 6.79 13.48 -1.45
CA ILE C 120 5.74 12.45 -1.49
C ILE C 120 5.97 11.59 -2.73
N LYS C 121 6.29 12.25 -3.85
CA LYS C 121 6.57 11.53 -5.10
C LYS C 121 7.71 10.51 -4.93
N GLY C 122 8.89 11.03 -4.59
CA GLY C 122 10.04 10.20 -4.28
C GLY C 122 9.81 9.15 -3.20
N MET C 123 9.23 9.51 -2.08
CA MET C 123 9.03 8.51 -1.03
C MET C 123 8.14 7.36 -1.51
N SER C 124 7.18 7.64 -2.39
CA SER C 124 6.30 6.58 -2.88
C SER C 124 7.05 5.62 -3.80
N LYS C 125 7.94 6.18 -4.61
CA LYS C 125 8.83 5.40 -5.44
C LYS C 125 9.71 4.51 -4.56
N ILE C 126 10.35 5.10 -3.56
CA ILE C 126 11.18 4.33 -2.64
C ILE C 126 10.39 3.23 -1.92
N LEU C 127 9.11 3.44 -1.65
CA LEU C 127 8.36 2.37 -1.00
C LEU C 127 8.10 1.19 -1.94
N GLN C 128 8.15 1.47 -3.24
CA GLN C 128 7.99 0.47 -4.30
C GLN C 128 9.32 -0.15 -4.71
N ASP C 129 10.25 -0.15 -3.76
CA ASP C 129 11.60 -0.69 -3.95
C ASP C 129 12.34 -0.07 -5.12
N GLU C 130 12.03 1.19 -5.40
CA GLU C 130 12.85 1.95 -6.31
C GLU C 130 13.85 2.76 -5.52
N MET C 131 14.49 3.71 -6.17
CA MET C 131 15.58 4.43 -5.56
C MET C 131 15.48 5.89 -5.99
N TRP C 132 15.45 6.81 -5.04
CA TRP C 132 15.28 8.23 -5.41
C TRP C 132 16.59 9.00 -5.52
N LEU C 133 17.41 8.64 -6.49
CA LEU C 133 18.68 9.33 -6.71
C LEU C 133 18.58 10.21 -7.93
N THR C 134 19.52 11.13 -8.04
CA THR C 134 19.59 12.03 -9.18
C THR C 134 20.52 11.41 -10.23
N ARG C 135 20.52 11.92 -11.45
CA ARG C 135 21.44 11.39 -12.47
C ARG C 135 22.89 11.64 -12.11
N LYS C 136 23.21 12.85 -11.65
CA LYS C 136 24.58 13.15 -11.21
C LYS C 136 25.07 12.25 -10.07
N LEU C 137 24.24 12.04 -9.06
CA LEU C 137 24.60 11.17 -7.93
C LEU C 137 24.71 9.67 -8.29
N ALA C 138 23.76 9.18 -9.07
CA ALA C 138 23.82 7.80 -9.53
C ALA C 138 25.12 7.57 -10.28
N GLN C 139 25.50 8.50 -11.16
CA GLN C 139 26.79 8.43 -11.84
C GLN C 139 28.01 8.37 -10.90
N GLU C 140 27.98 9.16 -9.81
CA GLU C 140 29.07 9.14 -8.84
C GLU C 140 29.23 7.73 -8.30
N TYR C 141 28.13 7.18 -7.80
CA TYR C 141 28.09 5.79 -7.32
C TYR C 141 28.77 4.78 -8.28
N ILE C 142 28.31 4.74 -9.53
CA ILE C 142 28.79 3.78 -10.52
C ILE C 142 30.26 4.01 -10.94
N LEU C 143 30.62 5.26 -11.19
CA LEU C 143 32.04 5.59 -11.41
C LEU C 143 32.87 4.96 -10.30
N HIS C 144 32.58 5.36 -9.06
CA HIS C 144 33.25 4.79 -7.87
C HIS C 144 33.23 3.27 -7.91
N TYR C 145 32.05 2.69 -7.66
CA TYR C 145 31.92 1.25 -7.52
C TYR C 145 32.54 0.44 -8.67
N ARG C 146 32.27 0.85 -9.90
CA ARG C 146 32.74 0.10 -11.06
C ARG C 146 34.29 0.11 -11.13
N ALA C 147 34.88 1.19 -10.64
CA ALA C 147 36.34 1.33 -10.59
C ALA C 147 37.03 0.29 -9.70
N GLY C 148 36.36 -0.19 -8.67
CA GLY C 148 36.91 -1.22 -7.82
C GLY C 148 36.98 -0.87 -6.34
N ASN C 149 36.55 0.34 -6.00
CA ASN C 149 36.59 0.83 -4.63
C ASN C 149 35.35 0.39 -3.87
N SER C 150 35.46 0.27 -2.54
CA SER C 150 34.29 -0.02 -1.71
C SER C 150 33.99 1.12 -0.71
N VAL C 151 34.97 1.44 0.14
CA VAL C 151 34.83 2.48 1.16
C VAL C 151 35.68 3.74 0.86
N VAL C 152 35.21 4.90 1.35
CA VAL C 152 35.96 6.15 1.26
C VAL C 152 36.50 6.50 2.65
N THR C 153 37.79 6.80 2.72
CA THR C 153 38.47 6.93 4.00
C THR C 153 38.01 8.17 4.78
N SER C 154 37.86 8.00 6.10
CA SER C 154 37.36 9.08 6.97
C SER C 154 38.47 10.10 7.20
N GLN C 155 38.10 11.28 7.68
CA GLN C 155 39.08 12.36 7.72
C GLN C 155 39.87 12.34 9.04
N MET C 156 39.21 11.89 10.12
CA MET C 156 39.86 11.68 11.41
C MET C 156 41.03 10.68 11.30
N TYR C 157 40.85 9.65 10.46
CA TYR C 157 41.88 8.64 10.22
C TYR C 157 43.25 9.25 9.90
N ALA C 158 43.27 10.17 8.95
CA ALA C 158 44.50 10.82 8.54
C ALA C 158 45.15 11.66 9.64
N LYS C 159 44.40 11.96 10.70
CA LYS C 159 44.88 12.82 11.77
C LYS C 159 45.75 12.10 12.83
N LEU C 160 45.63 10.79 12.92
CA LEU C 160 46.35 10.05 13.98
C LEU C 160 47.72 9.48 13.58
N THR C 161 48.50 9.13 14.60
CA THR C 161 49.89 8.70 14.40
C THR C 161 49.96 7.41 13.59
N LYS C 162 51.14 7.13 13.04
CA LYS C 162 51.36 5.91 12.28
C LYS C 162 50.92 4.66 13.05
N ARG C 163 51.37 4.52 14.29
CA ARG C 163 50.91 3.43 15.16
C ARG C 163 49.41 3.37 15.10
N GLU C 164 48.80 4.50 15.39
CA GLU C 164 47.36 4.59 15.54
C GLU C 164 46.59 4.24 14.28
N GLN C 165 47.19 4.49 13.13
CA GLN C 165 46.59 4.13 11.84
C GLN C 165 46.74 2.64 11.56
N GLN C 166 47.96 2.13 11.74
CA GLN C 166 48.20 0.70 11.64
C GLN C 166 47.28 -0.06 12.61
N ILE C 167 47.25 0.38 13.86
CA ILE C 167 46.39 -0.25 14.87
C ILE C 167 44.89 -0.17 14.55
N ILE C 168 44.44 0.86 13.84
CA ILE C 168 43.01 0.95 13.51
C ILE C 168 42.65 0.14 12.25
N LYS C 169 43.44 0.22 11.19
CA LYS C 169 43.19 -0.60 10.01
C LYS C 169 43.01 -2.07 10.39
N LEU C 170 43.93 -2.62 11.19
CA LEU C 170 43.85 -4.02 11.61
C LEU C 170 42.62 -4.28 12.48
N LEU C 171 42.14 -3.25 13.18
CA LEU C 171 40.96 -3.40 14.04
C LEU C 171 39.73 -3.49 13.16
N GLY C 172 39.76 -2.74 12.05
CA GLY C 172 38.69 -2.73 11.07
C GLY C 172 38.72 -3.98 10.22
N SER C 173 39.81 -4.72 10.32
CA SER C 173 39.89 -6.05 9.76
C SER C 173 39.43 -7.07 10.80
N GLY C 174 38.81 -6.57 11.88
CA GLY C 174 38.31 -7.42 12.95
C GLY C 174 39.34 -8.25 13.70
N ALA C 175 40.62 -7.90 13.53
CA ALA C 175 41.71 -8.59 14.22
C ALA C 175 41.65 -8.28 15.71
N SER C 176 42.16 -9.21 16.52
CA SER C 176 42.11 -9.09 17.97
C SER C 176 43.22 -8.17 18.52
N ASN C 177 43.11 -7.81 19.80
CA ASN C 177 44.23 -7.17 20.49
C ASN C 177 45.51 -7.97 20.27
N ILE C 178 45.51 -9.21 20.76
CA ILE C 178 46.61 -10.16 20.56
C ILE C 178 47.04 -10.31 19.10
N GLU C 179 46.10 -10.40 18.17
CA GLU C 179 46.45 -10.53 16.75
C GLU C 179 47.09 -9.29 16.17
N ILE C 180 46.75 -8.12 16.70
CA ILE C 180 47.35 -6.87 16.25
C ILE C 180 48.76 -6.77 16.83
N ALA C 181 48.85 -6.92 18.15
CA ALA C 181 50.12 -6.88 18.86
C ALA C 181 51.14 -7.84 18.25
N ASP C 182 50.66 -8.80 17.46
CA ASP C 182 51.54 -9.80 16.84
C ASP C 182 51.94 -9.48 15.38
N LYS C 183 51.23 -8.55 14.75
CA LYS C 183 51.58 -8.15 13.38
C LYS C 183 52.49 -6.93 13.34
N LEU C 184 52.39 -6.11 14.38
CA LEU C 184 53.25 -4.93 14.55
C LEU C 184 54.36 -5.20 15.56
N PHE C 185 54.36 -6.41 16.11
CA PHE C 185 55.37 -6.88 17.06
C PHE C 185 55.41 -5.98 18.28
N VAL C 186 54.33 -6.03 19.04
CA VAL C 186 54.10 -5.08 20.11
C VAL C 186 53.42 -5.81 21.26
N SER C 187 53.52 -5.26 22.47
CA SER C 187 52.83 -5.82 23.62
C SER C 187 51.31 -5.82 23.39
N GLU C 188 50.58 -6.70 24.06
CA GLU C 188 49.12 -6.64 24.01
C GLU C 188 48.65 -5.39 24.73
N ASN C 189 49.22 -5.16 25.91
CA ASN C 189 48.92 -3.96 26.68
C ASN C 189 49.20 -2.70 25.88
N THR C 190 50.06 -2.82 24.87
CA THR C 190 50.49 -1.65 24.10
C THR C 190 49.45 -1.22 23.09
N VAL C 191 48.97 -2.17 22.30
CA VAL C 191 47.92 -1.88 21.32
C VAL C 191 46.66 -1.44 22.07
N LYS C 192 46.40 -2.08 23.20
CA LYS C 192 45.27 -1.73 24.07
C LYS C 192 45.39 -0.28 24.57
N THR C 193 46.61 0.16 24.86
CA THR C 193 46.86 1.51 25.35
C THR C 193 46.67 2.54 24.25
N HIS C 194 47.09 2.19 23.05
CA HIS C 194 46.91 3.02 21.86
C HIS C 194 45.45 3.19 21.53
N LEU C 195 44.72 2.08 21.51
CA LEU C 195 43.29 2.09 21.19
C LEU C 195 42.50 3.06 22.06
N HIS C 196 42.75 3.04 23.37
CA HIS C 196 42.08 3.97 24.25
C HIS C 196 42.23 5.40 23.76
N ASN C 197 43.43 5.78 23.37
CA ASN C 197 43.68 7.09 22.82
C ASN C 197 42.94 7.29 21.51
N VAL C 198 42.93 6.25 20.71
CA VAL C 198 42.35 6.27 19.38
C VAL C 198 40.85 6.51 19.32
N PHE C 199 40.14 6.08 20.33
CA PHE C 199 38.69 6.19 20.31
C PHE C 199 38.28 7.63 20.11
N LYS C 200 39.07 8.56 20.61
CA LYS C 200 38.82 9.97 20.37
C LYS C 200 40.01 10.48 19.56
N LYS C 201 39.77 11.28 18.53
CA LYS C 201 38.45 11.77 18.18
C LYS C 201 37.48 10.81 17.49
N ILE C 202 37.93 9.59 17.16
CA ILE C 202 37.01 8.59 16.61
C ILE C 202 35.58 8.77 17.22
N ASN C 203 35.51 8.88 18.55
CA ASN C 203 34.28 9.02 19.33
C ASN C 203 33.62 7.68 19.67
N ALA C 204 34.37 6.60 19.49
CA ALA C 204 33.90 5.25 19.84
C ALA C 204 33.75 5.05 21.35
N LYS C 205 32.54 4.75 21.79
CA LYS C 205 32.27 4.46 23.19
C LYS C 205 32.90 3.13 23.58
N ASN C 206 33.19 2.32 22.57
CA ASN C 206 33.84 1.05 22.80
C ASN C 206 34.35 0.39 21.54
N ARG C 207 35.02 -0.74 21.73
CA ARG C 207 35.68 -1.47 20.65
C ARG C 207 34.71 -1.82 19.52
N LEU C 208 33.48 -2.13 19.90
CA LEU C 208 32.45 -2.49 18.93
C LEU C 208 32.18 -1.29 18.01
N GLN C 209 31.93 -0.13 18.62
CA GLN C 209 31.69 1.11 17.87
C GLN C 209 32.86 1.51 16.99
N ALA C 210 34.06 1.13 17.41
CA ALA C 210 35.26 1.53 16.70
C ALA C 210 35.57 0.63 15.50
N LEU C 211 35.38 -0.69 15.66
CA LEU C 211 35.57 -1.61 14.53
C LEU C 211 34.44 -1.45 13.53
N ILE C 212 33.30 -0.96 14.02
CA ILE C 212 32.12 -0.66 13.22
C ILE C 212 32.27 0.71 12.55
N TRP C 213 33.14 1.54 13.14
CA TRP C 213 33.53 2.81 12.57
C TRP C 213 34.59 2.55 11.54
N ALA C 214 35.51 1.64 11.90
CA ALA C 214 36.65 1.36 11.06
C ALA C 214 36.23 0.51 9.88
N LYS C 215 35.36 -0.48 10.13
CA LYS C 215 34.83 -1.33 9.07
C LYS C 215 34.08 -0.49 8.03
N ASN C 216 33.53 0.63 8.49
CA ASN C 216 32.81 1.55 7.61
C ASN C 216 33.70 2.70 7.13
N ASN C 217 35.00 2.58 7.40
CA ASN C 217 35.96 3.67 7.20
C ASN C 217 37.41 3.19 7.38
N GLU D 5 40.58 16.54 -35.72
CA GLU D 5 39.88 16.41 -34.44
C GLU D 5 38.95 17.60 -34.17
N ASN D 6 38.90 18.04 -32.91
CA ASN D 6 38.02 19.13 -32.49
C ASN D 6 36.51 18.79 -32.53
N LYS D 7 36.21 17.52 -32.82
CA LYS D 7 34.86 17.04 -32.93
C LYS D 7 34.91 15.67 -32.25
N LEU D 8 33.96 15.33 -31.37
CA LEU D 8 34.05 13.99 -30.75
C LEU D 8 34.12 12.87 -31.80
N ASN D 9 34.83 11.77 -31.49
CA ASN D 9 35.00 10.64 -32.42
C ASN D 9 34.01 9.49 -32.09
N VAL D 10 32.89 9.40 -32.83
CA VAL D 10 31.88 8.35 -32.57
C VAL D 10 31.95 7.18 -33.54
N ARG D 11 31.40 6.04 -33.11
CA ARG D 11 31.25 4.87 -33.97
C ARG D 11 29.93 4.14 -33.67
N MET D 12 29.07 4.06 -34.69
CA MET D 12 27.81 3.37 -34.54
C MET D 12 27.87 1.94 -35.05
N LEU D 13 27.67 1.00 -34.14
CA LEU D 13 27.61 -0.41 -34.45
C LEU D 13 26.18 -0.77 -34.80
N SER D 14 25.77 -0.43 -36.02
CA SER D 14 24.54 -0.91 -36.60
C SER D 14 24.88 -1.33 -38.01
N ASP D 15 23.90 -1.86 -38.74
CA ASP D 15 24.12 -2.10 -40.18
C ASP D 15 23.87 -0.81 -40.99
N VAL D 16 24.47 -0.70 -42.17
CA VAL D 16 24.27 0.48 -42.98
C VAL D 16 22.99 0.41 -43.80
N CYS D 17 22.19 1.47 -43.71
CA CYS D 17 20.93 1.55 -44.42
C CYS D 17 20.44 2.99 -44.44
N MET D 18 19.30 3.23 -45.06
CA MET D 18 18.79 4.58 -45.14
C MET D 18 18.52 5.15 -43.77
N GLN D 19 17.97 4.34 -42.88
CA GLN D 19 17.68 4.81 -41.53
C GLN D 19 18.96 5.16 -40.78
N SER D 20 19.87 4.20 -40.65
CA SER D 20 21.13 4.43 -39.97
C SER D 20 21.76 5.75 -40.40
N ARG D 21 21.98 5.91 -41.69
CA ARG D 21 22.56 7.14 -42.23
C ARG D 21 21.74 8.38 -41.90
N LEU D 22 20.42 8.22 -41.87
CA LEU D 22 19.50 9.31 -41.54
C LEU D 22 19.63 9.70 -40.06
N LEU D 23 19.74 8.70 -39.18
CA LEU D 23 20.07 8.94 -37.78
C LEU D 23 21.49 9.51 -37.64
N LYS D 24 22.43 9.01 -38.45
CA LYS D 24 23.80 9.47 -38.42
C LYS D 24 23.92 10.98 -38.65
N GLU D 25 23.25 11.50 -39.67
CA GLU D 25 23.32 12.95 -39.95
C GLU D 25 22.57 13.78 -38.92
N ALA D 26 21.40 13.31 -38.48
CA ALA D 26 20.64 14.00 -37.43
C ALA D 26 21.49 14.23 -36.20
N LEU D 27 22.38 13.29 -35.92
CA LEU D 27 23.33 13.43 -34.81
C LEU D 27 24.48 14.39 -35.13
N GLU D 28 25.07 14.28 -36.31
CA GLU D 28 26.15 15.19 -36.68
C GLU D 28 25.66 16.64 -36.74
N SER D 29 24.34 16.81 -36.85
CA SER D 29 23.72 18.12 -37.04
C SER D 29 23.37 18.84 -35.74
N LYS D 30 23.11 18.07 -34.67
CA LYS D 30 22.71 18.67 -33.40
C LYS D 30 23.83 18.65 -32.37
N LEU D 31 24.87 17.86 -32.62
CA LEU D 31 25.89 17.65 -31.60
C LEU D 31 27.29 17.68 -32.21
N PRO D 32 28.29 18.09 -31.42
CA PRO D 32 29.71 18.20 -31.80
C PRO D 32 30.42 16.86 -32.02
N LEU D 33 29.83 15.98 -32.82
CA LEU D 33 30.44 14.68 -33.07
C LEU D 33 30.71 14.34 -34.54
N ALA D 34 31.62 13.40 -34.76
CA ALA D 34 31.92 12.89 -36.09
C ALA D 34 31.66 11.40 -36.08
N LEU D 35 30.57 11.00 -36.72
CA LEU D 35 30.10 9.62 -36.67
C LEU D 35 30.49 8.83 -37.90
N GLU D 36 30.67 7.53 -37.71
CA GLU D 36 30.83 6.59 -38.81
C GLU D 36 30.21 5.28 -38.38
N ILE D 37 29.58 4.56 -39.32
CA ILE D 37 28.85 3.36 -39.00
C ILE D 37 29.60 2.10 -39.43
N THR D 38 29.99 1.26 -38.46
CA THR D 38 30.50 -0.07 -38.72
C THR D 38 29.49 -1.07 -38.19
N PRO D 39 29.04 -2.01 -39.05
CA PRO D 39 28.12 -3.09 -38.67
C PRO D 39 28.82 -4.10 -37.79
N PHE D 40 28.10 -4.81 -36.95
CA PHE D 40 28.75 -5.81 -36.10
C PHE D 40 29.54 -6.82 -36.92
N SER D 41 28.85 -7.50 -37.83
CA SER D 41 29.44 -8.54 -38.66
C SER D 41 30.83 -8.17 -39.23
N GLU D 42 31.06 -6.88 -39.43
CA GLU D 42 32.27 -6.37 -40.04
C GLU D 42 33.22 -5.77 -38.97
N LEU D 43 32.98 -6.14 -37.72
CA LEU D 43 33.71 -5.56 -36.60
C LEU D 43 35.09 -6.17 -36.48
N TRP D 44 35.18 -7.48 -36.69
CA TRP D 44 36.46 -8.17 -36.58
C TRP D 44 37.52 -7.54 -37.47
N LEU D 45 37.12 -7.15 -38.68
CA LEU D 45 38.02 -6.51 -39.63
C LEU D 45 38.47 -5.13 -39.18
N GLU D 46 37.83 -4.63 -38.13
CA GLU D 46 38.10 -3.29 -37.59
C GLU D 46 39.09 -3.34 -36.41
N GLU D 47 39.16 -4.52 -35.78
CA GLU D 47 39.98 -4.77 -34.60
C GLU D 47 41.38 -4.16 -34.72
N ASN D 48 42.12 -4.69 -35.67
CA ASN D 48 43.50 -4.29 -35.92
C ASN D 48 43.60 -3.30 -37.05
N LYS D 49 43.00 -2.13 -36.84
CA LYS D 49 43.26 -0.97 -37.66
C LYS D 49 43.79 0.11 -36.72
N PRO D 50 44.56 1.04 -37.28
CA PRO D 50 45.08 2.19 -36.52
C PRO D 50 43.95 3.15 -36.12
N GLU D 51 43.10 3.50 -37.08
CA GLU D 51 41.99 4.44 -36.86
C GLU D 51 41.05 4.01 -35.72
N SER D 52 40.79 2.72 -35.60
CA SER D 52 39.93 2.21 -34.53
C SER D 52 40.41 2.62 -33.13
N ARG D 53 41.69 2.98 -33.01
CA ARG D 53 42.19 3.39 -31.70
C ARG D 53 41.76 4.80 -31.32
N SER D 54 41.41 5.62 -32.30
CA SER D 54 40.90 6.95 -32.02
C SER D 54 39.46 6.95 -31.48
N ILE D 55 38.73 5.86 -31.65
CA ILE D 55 37.31 5.84 -31.29
C ILE D 55 37.10 6.19 -29.82
N GLN D 56 36.40 7.30 -29.57
CA GLN D 56 36.09 7.76 -28.22
C GLN D 56 34.72 7.31 -27.68
N MET D 57 33.72 7.22 -28.57
CA MET D 57 32.38 6.74 -28.23
C MET D 57 31.87 5.60 -29.16
N LEU D 58 31.36 4.53 -28.57
CA LEU D 58 30.63 3.51 -29.31
C LEU D 58 29.14 3.62 -29.02
N VAL D 59 28.35 3.58 -30.09
CA VAL D 59 26.90 3.57 -29.98
C VAL D 59 26.42 2.21 -30.51
N ILE D 60 25.93 1.39 -29.59
CA ILE D 60 25.51 0.03 -29.86
C ILE D 60 24.01 0.00 -30.08
N ASP D 61 23.60 -0.21 -31.32
CA ASP D 61 22.20 -0.32 -31.68
C ASP D 61 21.71 -1.71 -31.26
N TYR D 62 20.92 -1.76 -30.20
CA TYR D 62 20.55 -3.00 -29.55
C TYR D 62 19.56 -3.79 -30.38
N SER D 63 19.00 -3.16 -31.41
CA SER D 63 18.08 -3.86 -32.32
C SER D 63 18.82 -4.82 -33.27
N ARG D 64 20.03 -4.42 -33.66
CA ARG D 64 20.84 -5.20 -34.59
C ARG D 64 21.89 -5.96 -33.82
N ILE D 65 21.58 -6.36 -32.60
CA ILE D 65 22.54 -7.10 -31.82
C ILE D 65 22.13 -8.57 -31.72
N SER D 66 23.14 -9.44 -31.76
CA SER D 66 22.97 -10.89 -31.70
C SER D 66 24.07 -11.47 -30.82
N ASP D 67 23.84 -12.65 -30.25
CA ASP D 67 24.83 -13.27 -29.36
C ASP D 67 26.06 -13.78 -30.10
N ASP D 68 25.94 -13.90 -31.43
CA ASP D 68 27.02 -14.32 -32.30
C ASP D 68 28.14 -13.27 -32.36
N VAL D 69 27.75 -12.00 -32.42
CA VAL D 69 28.69 -10.90 -32.59
C VAL D 69 29.08 -10.23 -31.27
N LEU D 70 28.84 -10.93 -30.16
CA LEU D 70 29.13 -10.37 -28.84
C LEU D 70 30.59 -10.62 -28.46
N THR D 71 31.03 -11.85 -28.67
CA THR D 71 32.41 -12.23 -28.41
C THR D 71 33.33 -11.48 -29.37
N ASP D 72 32.86 -11.25 -30.58
CA ASP D 72 33.62 -10.47 -31.56
C ASP D 72 33.84 -9.08 -30.99
N TYR D 73 32.91 -8.65 -30.14
CA TYR D 73 32.87 -7.28 -29.63
C TYR D 73 33.83 -7.04 -28.48
N SER D 74 33.69 -7.79 -27.40
CA SER D 74 34.56 -7.60 -26.24
C SER D 74 36.04 -7.59 -26.65
N SER D 75 36.39 -8.43 -27.63
CA SER D 75 37.74 -8.43 -28.17
C SER D 75 38.04 -7.17 -29.00
N PHE D 76 37.11 -6.75 -29.85
CA PHE D 76 37.31 -5.52 -30.61
C PHE D 76 37.55 -4.28 -29.73
N LYS D 77 36.79 -4.15 -28.64
CA LYS D 77 36.85 -2.95 -27.80
C LYS D 77 38.07 -2.91 -26.89
N HIS D 78 38.31 -3.99 -26.15
CA HIS D 78 39.54 -4.11 -25.36
C HIS D 78 40.81 -3.85 -26.18
N ILE D 79 40.88 -4.44 -27.38
CA ILE D 79 42.02 -4.27 -28.30
C ILE D 79 42.22 -2.84 -28.85
N SER D 80 41.17 -2.21 -29.37
CA SER D 80 41.34 -0.94 -30.09
C SER D 80 40.93 0.36 -29.37
N CYS D 81 39.86 0.30 -28.57
CA CYS D 81 39.36 1.51 -27.92
C CYS D 81 38.76 1.19 -26.55
N PRO D 82 39.60 0.73 -25.61
CA PRO D 82 39.11 0.22 -24.31
C PRO D 82 38.45 1.31 -23.48
N ASP D 83 39.01 2.52 -23.57
CA ASP D 83 38.61 3.67 -22.74
C ASP D 83 37.47 4.50 -23.37
N ALA D 84 37.01 4.09 -24.54
CA ALA D 84 35.87 4.76 -25.17
C ALA D 84 34.58 4.47 -24.40
N LYS D 85 33.64 5.41 -24.42
CA LYS D 85 32.32 5.20 -23.80
C LYS D 85 31.46 4.24 -24.62
N GLU D 86 30.44 3.66 -24.01
CA GLU D 86 29.49 2.85 -24.75
C GLU D 86 28.10 3.40 -24.48
N VAL D 87 27.30 3.52 -25.54
CA VAL D 87 25.95 4.06 -25.42
C VAL D 87 24.93 3.18 -26.16
N ILE D 88 24.02 2.54 -25.43
CA ILE D 88 23.00 1.68 -26.02
C ILE D 88 21.89 2.52 -26.65
N ILE D 89 21.39 2.14 -27.83
CA ILE D 89 20.15 2.73 -28.37
C ILE D 89 19.20 1.64 -28.85
N ASN D 90 17.94 1.98 -29.07
CA ASN D 90 16.91 1.01 -29.48
C ASN D 90 16.77 -0.16 -28.52
N CYS D 91 17.06 0.11 -27.26
CA CYS D 91 17.05 -0.90 -26.20
C CYS D 91 15.63 -1.24 -25.76
N PRO D 92 15.31 -2.54 -25.66
CA PRO D 92 13.97 -2.98 -25.29
C PRO D 92 13.56 -2.41 -23.91
N GLN D 93 12.27 -2.12 -23.74
CA GLN D 93 11.83 -1.46 -22.53
C GLN D 93 11.92 -2.41 -21.36
N ASP D 94 11.82 -3.70 -21.68
CA ASP D 94 11.64 -4.70 -20.66
C ASP D 94 12.94 -5.44 -20.41
N ILE D 95 14.03 -5.00 -21.02
CA ILE D 95 15.31 -5.66 -20.86
C ILE D 95 15.64 -5.99 -19.40
N GLU D 96 16.39 -7.07 -19.19
CA GLU D 96 16.88 -7.42 -17.86
C GLU D 96 18.15 -6.61 -17.63
N HIS D 97 18.07 -5.63 -16.74
CA HIS D 97 19.12 -4.64 -16.56
C HIS D 97 20.50 -5.22 -16.30
N LYS D 98 20.55 -6.32 -15.54
CA LYS D 98 21.81 -7.03 -15.31
C LYS D 98 22.54 -7.25 -16.63
N LEU D 99 21.80 -7.62 -17.67
CA LEU D 99 22.37 -7.91 -18.99
C LEU D 99 23.17 -6.73 -19.54
N LEU D 100 23.04 -5.57 -18.90
CA LEU D 100 23.67 -4.35 -19.40
C LEU D 100 25.04 -4.11 -18.83
N PHE D 101 25.35 -4.73 -17.70
CA PHE D 101 26.66 -4.56 -17.08
C PHE D 101 27.79 -5.01 -18.00
N LYS D 102 27.50 -5.97 -18.87
CA LYS D 102 28.49 -6.52 -19.80
C LYS D 102 29.17 -5.44 -20.65
N TRP D 103 28.63 -4.23 -20.57
CA TRP D 103 29.20 -3.04 -21.21
C TRP D 103 29.97 -2.26 -20.14
N ASN D 104 31.29 -2.41 -20.18
CA ASN D 104 32.14 -1.93 -19.09
C ASN D 104 32.37 -0.43 -19.10
N ASN D 105 32.02 0.23 -20.20
CA ASN D 105 32.05 1.70 -20.22
C ASN D 105 30.70 2.35 -20.56
N LEU D 106 29.60 1.68 -20.23
CA LEU D 106 28.29 2.19 -20.57
C LEU D 106 28.10 3.59 -20.00
N ALA D 107 27.69 4.52 -20.86
CA ALA D 107 27.53 5.95 -20.51
C ALA D 107 26.06 6.34 -20.40
N GLY D 108 25.24 5.66 -21.18
CA GLY D 108 23.81 5.91 -21.22
C GLY D 108 23.10 4.83 -22.02
N VAL D 109 21.77 4.88 -22.00
CA VAL D 109 20.92 3.88 -22.62
C VAL D 109 19.66 4.58 -23.15
N PHE D 110 19.32 4.37 -24.41
CA PHE D 110 18.11 4.95 -24.98
C PHE D 110 17.21 3.83 -25.44
N TYR D 111 15.89 4.01 -25.31
CA TYR D 111 14.98 2.90 -25.48
C TYR D 111 14.23 2.91 -26.79
N ILE D 112 13.70 1.74 -27.15
CA ILE D 112 13.24 1.48 -28.51
C ILE D 112 12.27 2.57 -28.97
N ASP D 113 11.56 3.17 -28.02
CA ASP D 113 10.61 4.22 -28.35
C ASP D 113 10.88 5.51 -27.59
N ASP D 114 12.14 5.93 -27.61
CA ASP D 114 12.49 7.30 -27.25
C ASP D 114 12.49 8.07 -28.57
N ASP D 115 12.04 9.32 -28.54
CA ASP D 115 12.11 10.16 -29.75
C ASP D 115 13.44 10.88 -29.85
N MET D 116 13.71 11.49 -31.01
CA MET D 116 15.00 12.12 -31.21
C MET D 116 15.23 13.31 -30.27
N ASP D 117 14.16 13.84 -29.70
CA ASP D 117 14.29 14.92 -28.70
C ASP D 117 14.95 14.45 -27.39
N THR D 118 14.56 13.26 -26.93
CA THR D 118 15.19 12.60 -25.79
C THR D 118 16.64 12.21 -26.08
N LEU D 119 16.86 11.60 -27.24
CA LEU D 119 18.21 11.20 -27.63
C LEU D 119 19.12 12.42 -27.70
N ILE D 120 18.60 13.56 -28.16
CA ILE D 120 19.46 14.74 -28.24
C ILE D 120 19.80 15.30 -26.85
N LYS D 121 18.81 15.37 -25.98
CA LYS D 121 19.03 15.79 -24.59
C LYS D 121 20.07 14.91 -23.91
N GLY D 122 19.75 13.62 -23.83
CA GLY D 122 20.70 12.61 -23.38
C GLY D 122 22.13 12.80 -23.89
N MET D 123 22.32 12.81 -25.20
CA MET D 123 23.67 12.85 -25.77
C MET D 123 24.44 14.10 -25.31
N SER D 124 23.71 15.21 -25.17
CA SER D 124 24.29 16.50 -24.75
C SER D 124 24.81 16.45 -23.32
N LYS D 125 24.07 15.76 -22.47
CA LYS D 125 24.52 15.51 -21.10
C LYS D 125 25.77 14.60 -21.07
N ILE D 126 25.78 13.61 -21.94
CA ILE D 126 26.86 12.64 -22.00
C ILE D 126 28.14 13.29 -22.60
N LEU D 127 27.95 14.24 -23.50
CA LEU D 127 29.10 14.95 -24.04
C LEU D 127 29.72 15.88 -22.97
N GLN D 128 28.93 16.15 -21.93
CA GLN D 128 29.35 16.97 -20.81
C GLN D 128 30.01 16.10 -19.76
N ASP D 129 30.00 14.79 -20.00
CA ASP D 129 30.58 13.83 -19.07
C ASP D 129 29.67 13.25 -17.97
N GLU D 130 28.37 13.48 -18.09
CA GLU D 130 27.39 12.87 -17.20
C GLU D 130 26.93 11.53 -17.76
N MET D 131 25.94 10.88 -17.15
CA MET D 131 25.39 9.63 -17.69
C MET D 131 23.87 9.74 -17.79
N TRP D 132 23.30 8.99 -18.74
CA TRP D 132 21.86 9.04 -19.00
C TRP D 132 21.11 7.76 -18.58
N LEU D 133 21.18 7.44 -17.30
CA LEU D 133 20.58 6.22 -16.80
C LEU D 133 19.21 6.44 -16.16
N THR D 134 18.30 5.51 -16.42
CA THR D 134 17.02 5.45 -15.74
C THR D 134 17.19 5.34 -14.22
N ARG D 135 16.17 5.65 -13.44
CA ARG D 135 16.25 5.41 -11.99
C ARG D 135 16.35 3.92 -11.66
N LYS D 136 15.66 3.08 -12.43
CA LYS D 136 15.76 1.63 -12.26
C LYS D 136 17.15 1.07 -12.59
N LEU D 137 17.76 1.55 -13.66
CA LEU D 137 19.09 1.06 -14.04
C LEU D 137 20.17 1.44 -13.02
N ALA D 138 20.24 2.72 -12.69
CA ALA D 138 21.17 3.17 -11.66
C ALA D 138 20.95 2.40 -10.35
N GLN D 139 19.71 2.00 -10.07
CA GLN D 139 19.43 1.18 -8.90
C GLN D 139 19.92 -0.27 -9.00
N GLU D 140 19.94 -0.82 -10.22
CA GLU D 140 20.43 -2.18 -10.44
C GLU D 140 21.94 -2.19 -10.40
N TYR D 141 22.53 -1.12 -10.91
CA TYR D 141 23.97 -0.92 -10.77
C TYR D 141 24.34 -0.90 -9.31
N ILE D 142 23.83 0.09 -8.59
CA ILE D 142 24.16 0.25 -7.18
C ILE D 142 23.88 -1.03 -6.40
N LEU D 143 22.72 -1.63 -6.61
CA LEU D 143 22.42 -2.82 -5.85
C LEU D 143 23.40 -3.92 -6.16
N HIS D 144 23.71 -4.14 -7.42
CA HIS D 144 24.64 -5.19 -7.75
C HIS D 144 26.04 -4.95 -7.24
N TYR D 145 26.58 -3.76 -7.49
CA TYR D 145 27.93 -3.45 -7.08
C TYR D 145 28.08 -3.38 -5.58
N ARG D 146 27.09 -2.77 -4.95
CA ARG D 146 27.10 -2.54 -3.49
C ARG D 146 27.17 -3.84 -2.70
N ALA D 147 26.83 -4.95 -3.35
CA ALA D 147 26.86 -6.23 -2.69
C ALA D 147 28.17 -6.98 -2.91
N GLY D 148 29.11 -6.33 -3.60
CA GLY D 148 30.46 -6.86 -3.79
C GLY D 148 30.66 -7.63 -5.10
N ASN D 149 29.61 -7.70 -5.91
CA ASN D 149 29.64 -8.45 -7.16
C ASN D 149 30.47 -7.75 -8.23
N SER D 150 30.96 -8.52 -9.19
CA SER D 150 31.63 -7.93 -10.35
C SER D 150 30.96 -8.37 -11.66
N VAL D 151 31.53 -9.38 -12.32
CA VAL D 151 31.01 -9.84 -13.61
C VAL D 151 29.75 -10.71 -13.47
N VAL D 152 28.99 -10.85 -14.56
CA VAL D 152 27.75 -11.64 -14.56
C VAL D 152 27.95 -12.85 -15.49
N THR D 153 27.65 -14.05 -15.02
CA THR D 153 27.85 -15.24 -15.86
C THR D 153 26.71 -15.46 -16.85
N HIS D 194 39.94 -30.37 -26.76
CA HIS D 194 38.86 -30.09 -25.80
C HIS D 194 38.41 -28.61 -25.80
N LEU D 195 39.38 -27.68 -25.86
CA LEU D 195 39.07 -26.24 -25.88
C LEU D 195 38.47 -25.81 -27.23
N HIS D 196 38.68 -26.60 -28.27
CA HIS D 196 38.17 -26.29 -29.61
C HIS D 196 36.67 -26.57 -29.74
N ASN D 197 36.14 -27.37 -28.83
CA ASN D 197 34.70 -27.63 -28.75
C ASN D 197 33.92 -26.51 -28.09
N VAL D 198 34.59 -25.75 -27.22
CA VAL D 198 33.98 -24.56 -26.58
C VAL D 198 34.17 -23.26 -27.38
N PHE D 199 34.82 -23.34 -28.54
CA PHE D 199 34.95 -22.16 -29.43
C PHE D 199 33.72 -22.06 -30.31
N LYS D 200 32.70 -22.80 -29.91
CA LYS D 200 31.31 -22.58 -30.29
C LYS D 200 30.44 -23.33 -29.26
N LYS D 201 29.41 -22.69 -28.73
CA LYS D 201 29.00 -21.36 -29.19
C LYS D 201 29.53 -20.20 -28.33
N ILE D 202 30.83 -20.19 -28.05
CA ILE D 202 31.48 -18.97 -27.58
C ILE D 202 31.76 -18.11 -28.82
N ASN D 203 31.96 -18.77 -29.96
CA ASN D 203 32.28 -18.13 -31.25
C ASN D 203 33.68 -17.53 -31.31
N ALA D 204 34.63 -18.19 -30.66
CA ALA D 204 36.00 -17.72 -30.59
C ALA D 204 36.78 -18.07 -31.87
N LYS D 205 37.31 -17.05 -32.54
CA LYS D 205 38.09 -17.23 -33.77
C LYS D 205 39.47 -17.75 -33.46
N ASN D 206 39.88 -17.63 -32.20
CA ASN D 206 41.16 -18.13 -31.74
C ASN D 206 41.16 -18.34 -30.22
N ARG D 207 42.34 -18.50 -29.64
CA ARG D 207 42.46 -18.59 -28.19
C ARG D 207 42.24 -17.23 -27.51
N LEU D 208 42.83 -16.18 -28.09
CA LEU D 208 42.71 -14.81 -27.55
C LEU D 208 41.26 -14.35 -27.36
N GLN D 209 40.36 -14.83 -28.23
CA GLN D 209 38.94 -14.50 -28.14
C GLN D 209 38.22 -15.34 -27.07
N ALA D 210 38.87 -16.38 -26.60
CA ALA D 210 38.30 -17.20 -25.53
C ALA D 210 38.58 -16.59 -24.15
N LEU D 211 39.82 -16.17 -23.89
CA LEU D 211 40.16 -15.61 -22.58
C LEU D 211 39.57 -14.23 -22.30
N ILE D 212 39.46 -13.37 -23.31
CA ILE D 212 38.76 -12.09 -23.13
C ILE D 212 37.27 -12.34 -22.96
N TRP D 213 36.80 -13.47 -23.49
CA TRP D 213 35.43 -13.89 -23.26
C TRP D 213 35.33 -14.45 -21.83
N ALA D 214 36.44 -14.96 -21.32
CA ALA D 214 36.47 -15.50 -19.96
C ALA D 214 36.16 -14.40 -18.93
N LYS D 215 36.89 -13.30 -19.03
CA LYS D 215 36.79 -12.19 -18.07
C LYS D 215 35.48 -11.40 -18.17
N ASN D 216 34.97 -11.27 -19.40
CA ASN D 216 33.68 -10.65 -19.65
C ASN D 216 32.55 -11.71 -19.55
N ASN D 217 32.73 -12.69 -18.65
CA ASN D 217 31.77 -13.80 -18.48
C ASN D 217 32.16 -14.78 -17.37
#